data_3R75
#
_entry.id   3R75
#
_cell.length_a   259.710
_cell.length_b   94.512
_cell.length_c   53.546
_cell.angle_alpha   90.00
_cell.angle_beta   90.00
_cell.angle_gamma   90.00
#
_symmetry.space_group_name_H-M   'P 21 21 2'
#
loop_
_entity.id
_entity.type
_entity.pdbx_description
1 polymer 'Anthranilate/para-aminobenzoate synthases component I'
2 non-polymer 'MAGNESIUM ION'
3 non-polymer 'BENZOIC ACID'
4 non-polymer 'PYRUVIC ACID'
5 non-polymer 'PHOSPHATE ION'
6 non-polymer 'ZINC ION'
7 water water
#
_entity_poly.entity_id   1
_entity_poly.type   'polypeptide(L)'
_entity_poly.pdbx_seq_one_letter_code
;GHMNAAPNRNLFDRVLHGQAPCFALIARSTGSAGERAMIDVFAGAVSYPSSLAELPLAAPTATGADRQELLVMVPYRQLH
ERGFKTHDDGAPLVAITCDEHETVSAQLALAAIPDADTALGERHFDIDDEAYAEIVERVITDEIGTGAGSNFVIKRTLEG
DLDDYSPAKALAVFKRLMRREVGAYWIFVIHTGERTFVGATPERHLTLHEGCATMNPISGTYRYPQSGPTIDGINAFLGD
RKESDELYMVLDEELKMMARICPAGGQVTGPHLREMARLAHTEYFIVGHTEADVRDLLRETMFAPTVTGSPIESATRVIA
RHERAGRGYYSGIAALIGRDARGGRTLDSAILIRTAEIDRAGHVRIGVGSTLVRHSDAVSEVMETHAKVAALSNAFDPPE
AGPALGQHPSVQAALRERNEGIADFWFRPYGGRQGEMADELAELSGCRALIVDAEDHFTAMIAQQLSSLGLATEVCGVHD
AVDLARYDVVVMGPGPGDPSDAGDPRIARLYAWLRHLIDEGKPFMAV(CYG)LSHQILNAILGIPLVRREVPNQGIQVEI
DLFGQRERVGFYNTYVAQTVRDEMDVDGVGTVAISRDPRTGEVHALRGPTFSSMQFHAESVLTVDGPRILGEAITHAIRR
EKRMTALTA
;
_entity_poly.pdbx_strand_id   A,B
#
loop_
_chem_comp.id
_chem_comp.type
_chem_comp.name
_chem_comp.formula
BEZ non-polymer 'BENZOIC ACID' 'C7 H6 O2'
MG non-polymer 'MAGNESIUM ION' 'Mg 2'
PO4 non-polymer 'PHOSPHATE ION' 'O4 P -3'
PYR non-polymer 'PYRUVIC ACID' 'C3 H4 O3'
ZN non-polymer 'ZINC ION' 'Zn 2'
#
# COMPACT_ATOMS: atom_id res chain seq x y z
N ARG A 9 -26.56 5.35 -22.54
CA ARG A 9 -26.48 5.13 -21.07
C ARG A 9 -26.74 3.63 -20.68
N ASN A 10 -25.68 2.94 -20.31
CA ASN A 10 -25.81 1.56 -19.85
C ASN A 10 -26.56 1.50 -18.49
N LEU A 11 -26.70 0.29 -17.97
CA LEU A 11 -27.35 0.17 -16.68
C LEU A 11 -26.52 0.93 -15.65
N PHE A 12 -25.22 0.71 -15.69
CA PHE A 12 -24.35 1.27 -14.67
C PHE A 12 -24.48 2.82 -14.64
N ASP A 13 -24.49 3.44 -15.80
CA ASP A 13 -24.69 4.88 -15.91
C ASP A 13 -25.99 5.32 -15.27
N ARG A 14 -27.09 4.59 -15.53
CA ARG A 14 -28.34 4.90 -14.88
C ARG A 14 -28.27 4.73 -13.35
N VAL A 15 -27.61 3.68 -12.87
CA VAL A 15 -27.43 3.53 -11.42
C VAL A 15 -26.68 4.77 -10.87
N LEU A 16 -25.61 5.10 -11.55
CA LEU A 16 -24.76 6.22 -11.15
C LEU A 16 -25.51 7.56 -11.13
N HIS A 17 -26.48 7.75 -12.03
CA HIS A 17 -27.18 9.03 -12.10
C HIS A 17 -28.44 9.04 -11.29
N GLY A 18 -28.73 7.98 -10.53
CA GLY A 18 -29.92 7.99 -9.68
C GLY A 18 -31.17 7.51 -10.41
N GLN A 19 -31.01 6.86 -11.55
CA GLN A 19 -32.14 6.48 -12.39
C GLN A 19 -32.65 5.07 -12.12
N ALA A 20 -32.08 4.35 -11.17
CA ALA A 20 -32.56 2.97 -10.92
C ALA A 20 -33.03 2.96 -9.48
N PRO A 21 -34.35 2.86 -9.23
CA PRO A 21 -34.78 2.98 -7.84
C PRO A 21 -34.36 1.71 -7.02
N CYS A 22 -34.04 0.63 -7.70
CA CYS A 22 -33.53 -0.57 -7.03
C CYS A 22 -32.42 -1.18 -7.88
N PHE A 23 -31.27 -1.38 -7.25
CA PHE A 23 -30.10 -1.85 -7.97
C PHE A 23 -29.16 -2.58 -7.05
N ALA A 24 -28.30 -3.43 -7.63
CA ALA A 24 -27.21 -4.03 -6.91
C ALA A 24 -25.95 -3.97 -7.80
N LEU A 25 -24.82 -3.64 -7.16
CA LEU A 25 -23.50 -3.79 -7.69
C LEU A 25 -22.84 -4.82 -6.81
N ILE A 26 -22.41 -5.91 -7.43
CA ILE A 26 -21.82 -7.03 -6.72
C ILE A 26 -20.53 -7.46 -7.40
N ALA A 27 -19.42 -7.39 -6.66
CA ALA A 27 -18.10 -7.80 -7.16
C ALA A 27 -17.87 -9.12 -6.52
N ARG A 28 -17.94 -10.16 -7.34
CA ARG A 28 -17.86 -11.55 -6.88
C ARG A 28 -16.52 -12.25 -7.14
N SER A 29 -16.34 -13.40 -6.48
CA SER A 29 -15.18 -14.39 -6.46
C SER A 29 -14.21 -14.21 -5.29
N ARG A 36 -8.63 -9.24 -14.54
CA ARG A 36 -9.59 -8.15 -14.88
C ARG A 36 -10.96 -8.30 -14.11
N ALA A 37 -11.01 -7.79 -12.86
CA ALA A 37 -12.19 -7.93 -11.97
C ALA A 37 -13.37 -7.23 -12.64
N MET A 38 -14.51 -7.90 -12.65
CA MET A 38 -15.74 -7.34 -13.20
C MET A 38 -16.73 -7.21 -12.07
N ILE A 39 -17.64 -6.25 -12.19
CA ILE A 39 -18.70 -6.03 -11.24
C ILE A 39 -20.01 -6.34 -11.96
N ASP A 40 -20.82 -7.15 -11.33
CA ASP A 40 -22.15 -7.40 -11.80
C ASP A 40 -23.05 -6.27 -11.41
N VAL A 41 -23.81 -5.78 -12.39
CA VAL A 41 -24.79 -4.74 -12.19
CA VAL A 41 -24.79 -4.75 -12.14
C VAL A 41 -26.18 -5.26 -12.50
N PHE A 42 -27.05 -5.20 -11.50
CA PHE A 42 -28.41 -5.72 -11.54
C PHE A 42 -29.38 -4.63 -11.28
N ALA A 43 -30.54 -4.70 -11.92
CA ALA A 43 -31.69 -3.85 -11.59
C ALA A 43 -33.00 -4.59 -11.92
N GLY A 44 -34.01 -4.39 -11.09
CA GLY A 44 -35.37 -4.75 -11.48
C GLY A 44 -36.39 -4.50 -10.38
N ALA A 45 -37.46 -5.30 -10.42
CA ALA A 45 -38.59 -5.13 -9.56
C ALA A 45 -38.35 -5.79 -8.19
N VAL A 46 -38.78 -5.07 -7.14
CA VAL A 46 -38.67 -5.52 -5.77
C VAL A 46 -40.02 -6.03 -5.26
N SER A 47 -40.03 -7.14 -4.54
CA SER A 47 -41.21 -7.57 -3.77
C SER A 47 -40.72 -8.18 -2.47
N TYR A 48 -41.62 -8.36 -1.52
CA TYR A 48 -41.33 -8.92 -0.23
C TYR A 48 -42.22 -10.16 -0.08
N PRO A 49 -41.82 -11.29 -0.63
CA PRO A 49 -42.62 -12.49 -0.52
C PRO A 49 -42.75 -12.92 0.93
N SER A 50 -43.78 -13.67 1.24
CA SER A 50 -44.00 -14.06 2.66
C SER A 50 -43.21 -15.31 3.05
N SER A 51 -42.64 -16.02 2.09
CA SER A 51 -41.83 -17.18 2.43
C SER A 51 -40.90 -17.59 1.32
N LEU A 52 -39.94 -18.42 1.70
CA LEU A 52 -39.00 -18.89 0.74
C LEU A 52 -39.72 -19.71 -0.36
N ALA A 53 -40.77 -20.42 0.04
CA ALA A 53 -41.51 -21.27 -0.87
C ALA A 53 -42.14 -20.39 -1.93
N GLU A 54 -42.38 -19.12 -1.64
CA GLU A 54 -43.03 -18.24 -2.60
C GLU A 54 -42.09 -17.30 -3.32
N LEU A 55 -40.80 -17.55 -3.28
CA LEU A 55 -39.88 -16.76 -4.12
C LEU A 55 -40.38 -16.83 -5.58
N PRO A 56 -40.46 -15.68 -6.27
CA PRO A 56 -41.02 -15.73 -7.63
C PRO A 56 -39.98 -16.25 -8.60
N LEU A 57 -39.95 -17.56 -8.74
CA LEU A 57 -39.01 -18.25 -9.60
C LEU A 57 -39.82 -18.96 -10.65
N ALA A 58 -39.49 -18.76 -11.93
CA ALA A 58 -40.22 -19.37 -13.06
C ALA A 58 -39.81 -20.84 -13.15
N ALA A 59 -40.53 -21.63 -13.93
CA ALA A 59 -40.12 -23.01 -14.24
C ALA A 59 -38.89 -23.04 -15.16
N PRO A 60 -38.18 -24.18 -15.22
CA PRO A 60 -36.85 -24.16 -15.80
C PRO A 60 -36.82 -23.70 -17.21
N THR A 61 -35.76 -23.00 -17.57
CA THR A 61 -35.54 -22.67 -18.97
C THR A 61 -34.04 -22.79 -19.22
N ALA A 62 -33.71 -23.34 -20.37
CA ALA A 62 -32.37 -23.36 -20.86
C ALA A 62 -32.38 -22.36 -21.99
N THR A 63 -31.61 -21.29 -21.86
CA THR A 63 -31.51 -20.28 -22.91
C THR A 63 -30.28 -20.48 -23.80
N GLY A 64 -29.32 -21.29 -23.37
CA GLY A 64 -28.02 -21.41 -24.06
C GLY A 64 -26.93 -20.52 -23.49
N ALA A 65 -27.30 -19.62 -22.58
CA ALA A 65 -26.33 -18.91 -21.73
C ALA A 65 -26.75 -18.89 -20.22
N ASP A 66 -25.75 -18.72 -19.37
CA ASP A 66 -25.93 -18.44 -17.95
C ASP A 66 -26.78 -17.18 -17.78
N ARG A 67 -27.68 -17.21 -16.81
CA ARG A 67 -28.69 -16.13 -16.66
C ARG A 67 -29.06 -16.06 -15.19
N GLN A 68 -29.06 -14.87 -14.58
CA GLN A 68 -29.51 -14.72 -13.20
C GLN A 68 -30.99 -14.41 -13.12
N GLU A 69 -31.70 -14.93 -12.15
CA GLU A 69 -33.14 -14.67 -12.11
C GLU A 69 -33.53 -13.72 -10.99
N LEU A 70 -33.01 -13.96 -9.79
CA LEU A 70 -33.42 -13.23 -8.59
C LEU A 70 -32.29 -12.96 -7.69
N LEU A 71 -32.26 -11.79 -7.06
CA LEU A 71 -31.38 -11.51 -5.91
C LEU A 71 -32.28 -11.46 -4.65
N VAL A 72 -31.95 -12.24 -3.63
CA VAL A 72 -32.81 -12.41 -2.47
C VAL A 72 -32.04 -12.04 -1.22
N MET A 73 -32.65 -11.23 -0.35
CA MET A 73 -32.05 -10.90 0.97
C MET A 73 -32.90 -11.56 2.02
N VAL A 74 -32.29 -12.45 2.76
CA VAL A 74 -32.96 -13.24 3.76
C VAL A 74 -32.62 -12.73 5.17
N PRO A 75 -33.60 -12.27 5.91
CA PRO A 75 -33.33 -11.77 7.23
C PRO A 75 -33.26 -12.83 8.30
N TYR A 76 -32.72 -12.47 9.45
CA TYR A 76 -32.58 -13.44 10.53
C TYR A 76 -33.94 -14.02 10.97
N ARG A 77 -34.95 -13.16 11.08
CA ARG A 77 -36.29 -13.64 11.56
C ARG A 77 -36.94 -14.66 10.62
N GLN A 78 -36.40 -14.83 9.40
CA GLN A 78 -36.89 -15.90 8.48
C GLN A 78 -36.80 -17.33 9.07
N LEU A 79 -35.98 -17.50 10.10
CA LEU A 79 -35.95 -18.76 10.90
C LEU A 79 -37.29 -19.24 11.44
N HIS A 80 -38.32 -18.40 11.47
CA HIS A 80 -39.62 -18.90 11.89
C HIS A 80 -40.04 -20.01 10.95
N GLU A 81 -39.56 -20.03 9.71
CA GLU A 81 -39.93 -21.10 8.78
C GLU A 81 -39.38 -22.46 9.18
N ARG A 82 -38.31 -22.46 9.99
CA ARG A 82 -37.81 -23.69 10.57
C ARG A 82 -38.46 -23.97 11.94
N GLY A 83 -39.37 -23.13 12.39
CA GLY A 83 -39.96 -23.33 13.71
C GLY A 83 -39.07 -22.86 14.85
N PHE A 84 -38.08 -22.03 14.57
CA PHE A 84 -37.17 -21.56 15.61
C PHE A 84 -37.65 -20.17 16.02
N LYS A 85 -37.34 -19.74 17.24
CA LYS A 85 -37.84 -18.46 17.73
C LYS A 85 -36.79 -17.40 17.62
N THR A 86 -37.20 -16.21 17.20
CA THR A 86 -36.30 -15.06 17.01
C THR A 86 -37.06 -13.80 17.47
N HIS A 87 -36.34 -12.75 17.83
CA HIS A 87 -36.97 -11.46 18.16
C HIS A 87 -37.37 -10.91 16.81
N ASP A 88 -38.66 -10.78 16.60
CA ASP A 88 -39.14 -10.47 15.30
C ASP A 88 -39.14 -8.97 15.07
N ASP A 89 -38.32 -8.49 14.15
CA ASP A 89 -38.24 -7.04 13.89
C ASP A 89 -38.93 -6.67 12.59
N GLY A 90 -39.65 -7.61 12.00
CA GLY A 90 -40.36 -7.39 10.75
C GLY A 90 -39.53 -7.22 9.50
N ALA A 91 -38.22 -7.57 9.54
CA ALA A 91 -37.42 -7.41 8.37
C ALA A 91 -37.99 -8.30 7.29
N PRO A 92 -38.21 -7.75 6.08
CA PRO A 92 -38.76 -8.58 5.04
C PRO A 92 -37.78 -9.51 4.31
N LEU A 93 -38.32 -10.61 3.79
CA LEU A 93 -37.69 -11.41 2.78
C LEU A 93 -37.75 -10.57 1.52
N VAL A 94 -36.60 -10.18 0.95
CA VAL A 94 -36.56 -9.25 -0.19
C VAL A 94 -36.19 -10.00 -1.42
N ALA A 95 -36.98 -9.87 -2.47
CA ALA A 95 -36.70 -10.53 -3.74
C ALA A 95 -36.63 -9.42 -4.80
N ILE A 96 -35.51 -9.35 -5.50
CA ILE A 96 -35.32 -8.43 -6.63
C ILE A 96 -35.20 -9.23 -7.90
N THR A 97 -36.12 -9.06 -8.83
CA THR A 97 -36.00 -9.77 -10.09
C THR A 97 -34.87 -9.11 -10.88
N CYS A 98 -34.00 -9.91 -11.47
CA CYS A 98 -32.92 -9.37 -12.26
C CYS A 98 -33.38 -9.09 -13.69
N ASP A 99 -34.20 -8.05 -13.86
CA ASP A 99 -34.72 -7.66 -15.21
C ASP A 99 -33.57 -7.23 -16.12
N GLU A 100 -32.59 -6.60 -15.54
CA GLU A 100 -31.42 -6.15 -16.26
C GLU A 100 -30.19 -6.61 -15.48
N HIS A 101 -29.20 -6.99 -16.24
CA HIS A 101 -27.95 -7.47 -15.73
C HIS A 101 -26.87 -7.14 -16.75
N GLU A 102 -25.91 -6.36 -16.31
CA GLU A 102 -24.77 -5.99 -17.12
C GLU A 102 -23.52 -6.21 -16.27
N THR A 103 -22.35 -6.31 -16.91
CA THR A 103 -21.13 -6.34 -16.14
C THR A 103 -20.26 -5.21 -16.64
N VAL A 104 -19.48 -4.65 -15.72
CA VAL A 104 -18.64 -3.49 -16.00
C VAL A 104 -17.30 -3.77 -15.35
N SER A 105 -16.24 -3.37 -16.02
CA SER A 105 -14.91 -3.53 -15.47
C SER A 105 -14.84 -2.78 -14.15
N ALA A 106 -14.25 -3.42 -13.14
CA ALA A 106 -14.21 -2.81 -11.81
C ALA A 106 -13.50 -1.47 -11.77
N GLN A 107 -12.37 -1.39 -12.45
CA GLN A 107 -11.55 -0.18 -12.44
C GLN A 107 -12.30 0.99 -13.09
N LEU A 108 -12.94 0.75 -14.23
CA LEU A 108 -13.74 1.75 -14.92
C LEU A 108 -14.91 2.22 -14.05
N ALA A 109 -15.60 1.28 -13.42
CA ALA A 109 -16.74 1.58 -12.56
C ALA A 109 -16.31 2.45 -11.40
N LEU A 110 -15.24 2.07 -10.74
CA LEU A 110 -14.78 2.82 -9.61
C LEU A 110 -14.33 4.23 -10.04
N ALA A 111 -13.73 4.35 -11.23
CA ALA A 111 -13.24 5.64 -11.68
C ALA A 111 -14.45 6.58 -11.90
N ALA A 112 -15.61 6.03 -12.24
CA ALA A 112 -16.83 6.83 -12.53
C ALA A 112 -17.63 7.21 -11.28
N ILE A 113 -17.43 6.52 -10.14
CA ILE A 113 -18.13 6.83 -8.89
C ILE A 113 -17.55 8.06 -8.22
N PRO A 114 -18.38 9.10 -8.01
CA PRO A 114 -17.87 10.26 -7.33
C PRO A 114 -17.76 10.04 -5.81
N ASP A 115 -16.76 10.67 -5.22
CA ASP A 115 -16.52 10.57 -3.81
C ASP A 115 -17.61 11.37 -3.11
N ALA A 116 -17.80 11.13 -1.83
CA ALA A 116 -18.79 11.87 -1.07
C ALA A 116 -18.42 11.73 0.40
N ASP A 117 -18.76 12.71 1.21
CA ASP A 117 -18.44 12.63 2.62
C ASP A 117 -19.41 11.64 3.26
N THR A 118 -18.86 10.63 3.93
CA THR A 118 -19.68 9.58 4.54
C THR A 118 -19.35 9.37 6.01
N ALA A 119 -18.82 10.41 6.64
CA ALA A 119 -18.44 10.33 8.05
C ALA A 119 -19.64 9.91 8.90
N LEU A 120 -19.44 8.98 9.81
CA LEU A 120 -20.49 8.46 10.67
C LEU A 120 -20.57 9.39 11.87
N GLY A 121 -21.72 10.01 12.05
CA GLY A 121 -22.00 10.83 13.24
C GLY A 121 -22.50 9.98 14.40
N GLU A 122 -22.10 10.37 15.61
CA GLU A 122 -22.54 9.69 16.84
C GLU A 122 -22.25 8.21 16.69
N ARG A 123 -21.00 7.91 16.38
CA ARG A 123 -20.57 6.59 16.05
C ARG A 123 -20.34 5.86 17.37
N HIS A 124 -21.02 4.73 17.56
CA HIS A 124 -20.96 4.02 18.87
C HIS A 124 -21.57 2.61 18.73
N PHE A 125 -21.13 1.69 19.56
CA PHE A 125 -21.74 0.38 19.66
C PHE A 125 -22.93 0.42 20.62
N ASP A 126 -24.01 -0.26 20.26
CA ASP A 126 -25.15 -0.27 21.12
C ASP A 126 -24.84 -1.00 22.42
N ILE A 127 -24.07 -2.09 22.37
CA ILE A 127 -23.60 -2.78 23.54
C ILE A 127 -22.12 -2.47 23.63
N ASP A 128 -21.73 -1.71 24.63
CA ASP A 128 -20.37 -1.18 24.70
C ASP A 128 -19.40 -2.27 25.13
N ASP A 129 -18.11 -1.93 25.20
CA ASP A 129 -17.13 -3.00 25.30
C ASP A 129 -17.31 -3.79 26.62
N GLU A 130 -17.53 -3.04 27.68
CA GLU A 130 -17.71 -3.59 29.02
C GLU A 130 -18.93 -4.48 29.11
N ALA A 131 -20.06 -4.00 28.62
CA ALA A 131 -21.32 -4.81 28.56
C ALA A 131 -21.17 -6.03 27.66
N TYR A 132 -20.41 -5.90 26.58
CA TYR A 132 -20.25 -7.03 25.68
C TYR A 132 -19.36 -8.08 26.33
N ALA A 133 -18.28 -7.65 26.99
CA ALA A 133 -17.41 -8.64 27.70
C ALA A 133 -18.25 -9.35 28.76
N GLU A 134 -19.15 -8.64 29.44
CA GLU A 134 -20.00 -9.37 30.43
C GLU A 134 -20.86 -10.45 29.78
N ILE A 135 -21.44 -10.13 28.63
CA ILE A 135 -22.27 -11.12 27.95
C ILE A 135 -21.47 -12.33 27.55
N VAL A 136 -20.29 -12.10 27.02
CA VAL A 136 -19.39 -13.18 26.60
C VAL A 136 -19.14 -14.12 27.76
N GLU A 137 -18.82 -13.58 28.93
CA GLU A 137 -18.59 -14.45 30.07
C GLU A 137 -19.84 -15.23 30.41
N ARG A 138 -21.02 -14.61 30.31
CA ARG A 138 -22.25 -15.31 30.68
CA ARG A 138 -22.25 -15.30 30.68
C ARG A 138 -22.54 -16.44 29.72
N VAL A 139 -22.26 -16.22 28.44
CA VAL A 139 -22.46 -17.27 27.44
C VAL A 139 -21.54 -18.46 27.75
N ILE A 140 -20.29 -18.20 28.09
CA ILE A 140 -19.32 -19.24 28.36
C ILE A 140 -19.71 -20.02 29.63
N THR A 141 -20.02 -19.31 30.71
CA THR A 141 -20.36 -19.95 32.01
C THR A 141 -21.76 -20.58 32.02
N ASP A 142 -22.73 -19.84 31.51
CA ASP A 142 -24.14 -20.21 31.73
C ASP A 142 -24.71 -20.97 30.56
N GLU A 143 -24.10 -20.88 29.37
CA GLU A 143 -24.63 -21.64 28.19
C GLU A 143 -23.73 -22.80 27.83
N ILE A 144 -22.53 -22.53 27.35
CA ILE A 144 -21.53 -23.60 27.12
C ILE A 144 -21.32 -24.43 28.41
N GLY A 145 -21.22 -23.77 29.56
CA GLY A 145 -21.07 -24.39 30.85
C GLY A 145 -22.24 -25.13 31.45
N THR A 146 -23.41 -25.06 30.84
CA THR A 146 -24.58 -25.83 31.27
C THR A 146 -25.12 -26.68 30.12
N GLY A 147 -24.31 -26.91 29.09
CA GLY A 147 -24.73 -27.87 28.07
C GLY A 147 -25.59 -27.39 26.93
N ALA A 148 -25.78 -26.10 26.78
CA ALA A 148 -26.56 -25.58 25.63
C ALA A 148 -25.89 -25.93 24.29
N GLY A 149 -24.59 -26.12 24.32
CA GLY A 149 -23.83 -26.41 23.08
C GLY A 149 -22.38 -25.96 23.22
N SER A 150 -21.62 -26.00 22.15
CA SER A 150 -20.18 -25.77 22.19
C SER A 150 -19.69 -24.43 21.74
N ASN A 151 -20.45 -23.74 20.88
CA ASN A 151 -20.06 -22.41 20.45
C ASN A 151 -21.31 -21.63 20.05
N PHE A 152 -21.26 -20.34 20.28
CA PHE A 152 -22.33 -19.35 19.94
C PHE A 152 -21.72 -18.01 19.55
N VAL A 153 -22.50 -17.25 18.79
CA VAL A 153 -22.17 -15.91 18.31
C VAL A 153 -23.24 -14.93 18.77
N ILE A 154 -22.80 -13.91 19.49
CA ILE A 154 -23.68 -12.82 19.98
C ILE A 154 -23.35 -11.52 19.26
N LYS A 155 -24.36 -10.97 18.63
CA LYS A 155 -24.29 -9.77 17.85
C LYS A 155 -24.29 -8.55 18.75
N ARG A 156 -23.41 -7.62 18.42
CA ARG A 156 -23.60 -6.24 18.78
C ARG A 156 -23.51 -5.42 17.52
N THR A 157 -23.90 -4.15 17.63
CA THR A 157 -24.03 -3.28 16.48
C THR A 157 -23.31 -1.98 16.65
N LEU A 158 -22.44 -1.71 15.68
CA LEU A 158 -21.87 -0.40 15.50
C LEU A 158 -22.88 0.48 14.74
N GLU A 159 -23.21 1.62 15.36
CA GLU A 159 -24.18 2.55 14.81
C GLU A 159 -23.57 3.90 14.53
N GLY A 160 -24.20 4.58 13.60
CA GLY A 160 -23.88 5.93 13.29
C GLY A 160 -24.89 6.51 12.35
N ASP A 161 -24.78 7.83 12.13
CA ASP A 161 -25.69 8.60 11.28
C ASP A 161 -24.98 9.30 10.14
N LEU A 162 -25.50 9.10 8.95
CA LEU A 162 -25.00 9.80 7.78
C LEU A 162 -25.83 11.03 7.52
N ASP A 163 -25.14 12.15 7.38
CA ASP A 163 -25.76 13.41 7.01
CA ASP A 163 -25.79 13.40 7.00
C ASP A 163 -26.19 13.36 5.53
N ASP A 164 -27.40 13.82 5.22
CA ASP A 164 -27.88 13.97 3.83
CA ASP A 164 -27.90 13.96 3.86
C ASP A 164 -27.77 12.67 3.03
N TYR A 165 -28.28 11.59 3.59
CA TYR A 165 -28.12 10.29 3.00
C TYR A 165 -28.83 10.17 1.64
N SER A 166 -28.14 9.60 0.68
CA SER A 166 -28.76 9.14 -0.55
C SER A 166 -27.87 7.98 -1.03
N PRO A 167 -28.34 7.20 -2.02
CA PRO A 167 -27.56 6.05 -2.40
C PRO A 167 -26.18 6.41 -2.98
N ALA A 168 -26.02 7.65 -3.43
CA ALA A 168 -24.68 8.16 -3.84
C ALA A 168 -23.63 7.95 -2.75
N LYS A 169 -24.01 8.20 -1.51
CA LYS A 169 -23.15 7.97 -0.39
C LYS A 169 -22.74 6.51 -0.21
N ALA A 170 -23.69 5.59 -0.37
CA ALA A 170 -23.38 4.15 -0.29
C ALA A 170 -22.42 3.78 -1.44
N LEU A 171 -22.59 4.39 -2.62
CA LEU A 171 -21.70 4.11 -3.75
C LEU A 171 -20.28 4.51 -3.41
N ALA A 172 -20.15 5.63 -2.71
CA ALA A 172 -18.85 6.15 -2.25
C ALA A 172 -18.19 5.21 -1.23
N VAL A 173 -18.96 4.69 -0.25
CA VAL A 173 -18.47 3.62 0.62
C VAL A 173 -18.01 2.33 -0.10
N PHE A 174 -18.82 1.87 -1.06
CA PHE A 174 -18.51 0.73 -1.91
C PHE A 174 -17.18 0.94 -2.68
N LYS A 175 -16.99 2.13 -3.22
CA LYS A 175 -15.75 2.49 -3.90
C LYS A 175 -14.52 2.32 -3.01
N ARG A 176 -14.60 2.86 -1.82
CA ARG A 176 -13.49 2.74 -0.85
C ARG A 176 -13.24 1.31 -0.41
N LEU A 177 -14.31 0.56 -0.12
CA LEU A 177 -14.21 -0.88 0.21
C LEU A 177 -13.54 -1.63 -0.96
N MET A 178 -13.94 -1.33 -2.18
CA MET A 178 -13.34 -2.01 -3.33
C MET A 178 -11.87 -1.66 -3.44
N ARG A 179 -11.48 -0.45 -3.10
CA ARG A 179 -10.04 -0.12 -3.26
C ARG A 179 -9.17 -0.52 -2.10
N ARG A 180 -9.75 -0.76 -0.93
CA ARG A 180 -8.98 -1.02 0.27
CA ARG A 180 -8.99 -0.99 0.27
C ARG A 180 -9.11 -2.43 0.82
N GLU A 181 -10.24 -3.10 0.61
CA GLU A 181 -10.45 -4.43 1.26
C GLU A 181 -10.02 -5.55 0.29
N VAL A 182 -9.46 -6.63 0.83
CA VAL A 182 -9.01 -7.75 0.06
C VAL A 182 -9.48 -9.01 0.78
N GLY A 183 -9.49 -10.11 0.07
CA GLY A 183 -9.84 -11.42 0.67
C GLY A 183 -11.29 -11.57 0.91
N ALA A 184 -12.13 -10.75 0.26
CA ALA A 184 -13.59 -10.86 0.43
C ALA A 184 -14.15 -11.84 -0.61
N TYR A 185 -15.26 -12.45 -0.28
CA TYR A 185 -16.00 -13.30 -1.19
C TYR A 185 -16.88 -12.41 -2.09
N TRP A 186 -17.70 -11.55 -1.47
CA TRP A 186 -18.40 -10.51 -2.20
C TRP A 186 -18.09 -9.15 -1.61
N ILE A 187 -17.99 -8.13 -2.48
CA ILE A 187 -18.05 -6.75 -2.05
C ILE A 187 -19.22 -6.21 -2.85
N PHE A 188 -20.11 -5.49 -2.18
CA PHE A 188 -21.46 -5.17 -2.72
C PHE A 188 -22.05 -3.90 -2.16
N VAL A 189 -22.89 -3.27 -3.00
CA VAL A 189 -23.89 -2.36 -2.60
C VAL A 189 -25.22 -2.78 -3.23
N ILE A 190 -26.23 -2.97 -2.38
CA ILE A 190 -27.54 -3.42 -2.80
C ILE A 190 -28.53 -2.43 -2.23
N HIS A 191 -29.29 -1.81 -3.09
CA HIS A 191 -30.20 -0.77 -2.66
C HIS A 191 -31.57 -1.19 -3.09
N THR A 192 -32.46 -1.32 -2.13
CA THR A 192 -33.81 -1.82 -2.43
C THR A 192 -34.87 -0.76 -2.54
N GLY A 193 -34.54 0.50 -2.19
CA GLY A 193 -35.54 1.59 -1.95
C GLY A 193 -35.73 2.01 -0.49
N GLU A 194 -36.16 1.06 0.34
CA GLU A 194 -36.31 1.21 1.76
C GLU A 194 -34.97 1.03 2.53
N ARG A 195 -34.01 0.33 1.96
CA ARG A 195 -32.83 -0.11 2.70
C ARG A 195 -31.66 -0.32 1.78
N THR A 196 -30.48 0.06 2.24
CA THR A 196 -29.24 -0.11 1.47
C THR A 196 -28.32 -0.99 2.28
N PHE A 197 -27.63 -1.87 1.59
CA PHE A 197 -26.68 -2.82 2.20
C PHE A 197 -25.37 -2.60 1.49
N VAL A 198 -24.31 -2.37 2.27
CA VAL A 198 -22.97 -2.21 1.69
CA VAL A 198 -22.99 -2.22 1.70
C VAL A 198 -22.03 -3.03 2.55
N GLY A 199 -21.29 -3.91 1.93
CA GLY A 199 -20.41 -4.79 2.71
C GLY A 199 -19.29 -5.47 1.94
N ALA A 200 -18.44 -6.13 2.69
CA ALA A 200 -17.32 -6.92 2.11
C ALA A 200 -17.22 -8.15 2.95
N THR A 201 -18.01 -9.18 2.62
CA THR A 201 -18.06 -10.34 3.45
C THR A 201 -17.03 -11.40 3.03
N PRO A 202 -16.40 -12.11 3.98
CA PRO A 202 -15.40 -13.10 3.53
C PRO A 202 -16.01 -14.43 3.16
N GLU A 203 -17.28 -14.64 3.45
CA GLU A 203 -17.79 -16.04 3.55
C GLU A 203 -18.96 -16.26 2.67
N ARG A 204 -18.84 -17.18 1.73
CA ARG A 204 -20.02 -17.63 0.99
C ARG A 204 -20.96 -18.35 1.97
N HIS A 205 -22.25 -18.30 1.70
CA HIS A 205 -23.18 -19.08 2.46
C HIS A 205 -23.29 -20.48 1.84
N LEU A 206 -23.79 -20.52 0.62
CA LEU A 206 -23.90 -21.77 -0.16
C LEU A 206 -23.81 -21.46 -1.64
N THR A 207 -22.96 -22.17 -2.38
CA THR A 207 -22.99 -22.13 -3.82
C THR A 207 -23.44 -23.52 -4.35
N LEU A 208 -24.10 -23.46 -5.49
CA LEU A 208 -24.60 -24.62 -6.22
C LEU A 208 -24.31 -24.33 -7.69
N HIS A 209 -23.54 -25.23 -8.27
CA HIS A 209 -23.16 -25.18 -9.67
CA HIS A 209 -23.18 -25.15 -9.67
C HIS A 209 -23.08 -26.59 -10.18
N GLU A 210 -23.93 -26.92 -11.14
CA GLU A 210 -24.06 -28.26 -11.74
C GLU A 210 -24.18 -29.39 -10.75
N GLY A 211 -25.02 -29.19 -9.76
CA GLY A 211 -25.29 -30.15 -8.71
C GLY A 211 -24.29 -30.14 -7.55
N CYS A 212 -23.18 -29.39 -7.72
CA CYS A 212 -22.14 -29.33 -6.69
CA CYS A 212 -22.12 -29.33 -6.70
C CYS A 212 -22.38 -28.18 -5.71
N ALA A 213 -22.58 -28.52 -4.45
CA ALA A 213 -22.84 -27.58 -3.38
C ALA A 213 -21.55 -27.34 -2.63
N THR A 214 -21.25 -26.07 -2.30
CA THR A 214 -20.09 -25.75 -1.51
C THR A 214 -20.44 -24.84 -0.37
N MET A 215 -19.90 -25.18 0.79
CA MET A 215 -19.85 -24.30 1.93
C MET A 215 -18.44 -24.02 2.37
N ASN A 216 -18.29 -22.97 3.18
CA ASN A 216 -17.01 -22.41 3.53
C ASN A 216 -17.10 -22.04 4.99
N PRO A 217 -16.95 -23.01 5.93
CA PRO A 217 -16.80 -22.69 7.34
C PRO A 217 -15.51 -21.91 7.69
N ILE A 218 -15.71 -20.69 8.18
CA ILE A 218 -14.61 -19.81 8.57
C ILE A 218 -14.78 -19.48 10.08
N SER A 219 -13.68 -19.66 10.80
CA SER A 219 -13.54 -19.13 12.11
C SER A 219 -12.12 -19.19 12.54
N GLY A 220 -11.75 -18.26 13.47
CA GLY A 220 -10.39 -18.07 13.91
C GLY A 220 -9.91 -16.84 13.23
N THR A 221 -9.52 -15.83 14.01
CA THR A 221 -9.15 -14.55 13.50
C THR A 221 -7.84 -14.08 14.08
N TYR A 222 -6.91 -13.69 13.19
CA TYR A 222 -5.69 -12.97 13.54
C TYR A 222 -5.90 -11.50 13.28
N ARG A 223 -5.87 -10.71 14.34
CA ARG A 223 -6.05 -9.26 14.22
C ARG A 223 -4.72 -8.60 13.82
N TYR A 224 -4.64 -7.85 12.74
CA TYR A 224 -3.36 -7.22 12.38
C TYR A 224 -3.05 -6.11 13.35
N PRO A 225 -1.80 -5.98 13.81
CA PRO A 225 -1.39 -4.78 14.48
C PRO A 225 -1.54 -3.60 13.52
N GLN A 226 -1.61 -2.43 14.09
CA GLN A 226 -1.72 -1.20 13.31
C GLN A 226 -0.59 -1.08 12.31
N SER A 227 0.60 -1.46 12.73
CA SER A 227 1.72 -1.51 11.81
C SER A 227 1.69 -2.59 10.73
N GLY A 228 0.74 -3.53 10.78
CA GLY A 228 0.63 -4.52 9.69
C GLY A 228 0.85 -5.99 10.11
N PRO A 229 0.38 -6.92 9.28
CA PRO A 229 0.50 -8.35 9.57
C PRO A 229 1.97 -8.80 9.62
N THR A 230 2.28 -9.76 10.45
CA THR A 230 3.63 -10.31 10.42
C THR A 230 3.54 -11.82 10.41
N ILE A 231 4.62 -12.39 9.93
CA ILE A 231 4.76 -13.81 9.88
C ILE A 231 4.87 -14.34 11.33
N ASP A 232 5.55 -13.66 12.23
CA ASP A 232 5.57 -14.13 13.63
C ASP A 232 4.14 -14.11 14.24
N GLY A 233 3.40 -13.03 14.01
CA GLY A 233 2.00 -12.99 14.45
C GLY A 233 1.11 -14.08 13.87
N ILE A 234 1.18 -14.32 12.56
CA ILE A 234 0.41 -15.38 11.96
C ILE A 234 0.77 -16.78 12.61
N ASN A 235 2.06 -17.06 12.79
CA ASN A 235 2.47 -18.38 13.28
C ASN A 235 1.91 -18.56 14.69
N ALA A 236 2.00 -17.52 15.52
CA ALA A 236 1.51 -17.62 16.92
C ALA A 236 0.00 -17.80 16.90
N PHE A 237 -0.69 -17.14 15.96
CA PHE A 237 -2.14 -17.36 15.80
C PHE A 237 -2.43 -18.80 15.44
N LEU A 238 -1.70 -19.33 14.46
CA LEU A 238 -1.97 -20.71 13.98
C LEU A 238 -1.58 -21.80 15.02
N GLY A 239 -0.82 -21.44 16.03
CA GLY A 239 -0.47 -22.36 17.13
C GLY A 239 -1.33 -22.20 18.36
N ASP A 240 -2.32 -21.31 18.31
CA ASP A 240 -3.23 -21.03 19.43
C ASP A 240 -4.35 -22.08 19.45
N ARG A 241 -4.38 -22.83 20.53
CA ARG A 241 -5.28 -23.98 20.68
C ARG A 241 -6.79 -23.59 20.63
N LYS A 242 -7.15 -22.46 21.21
CA LYS A 242 -8.48 -21.94 21.15
C LYS A 242 -8.91 -21.68 19.70
N GLU A 243 -8.08 -21.03 18.92
CA GLU A 243 -8.38 -20.68 17.51
C GLU A 243 -8.48 -21.92 16.66
N SER A 244 -7.61 -22.90 16.89
CA SER A 244 -7.65 -24.18 16.21
CA SER A 244 -7.65 -24.18 16.21
C SER A 244 -8.92 -24.96 16.57
N ASP A 245 -9.23 -25.07 17.87
CA ASP A 245 -10.49 -25.75 18.27
C ASP A 245 -11.71 -25.10 17.65
N GLU A 246 -11.73 -23.76 17.65
CA GLU A 246 -12.88 -22.97 17.14
C GLU A 246 -13.16 -23.37 15.68
N LEU A 247 -12.11 -23.52 14.90
CA LEU A 247 -12.29 -23.81 13.49
C LEU A 247 -12.79 -25.24 13.34
N TYR A 248 -12.27 -26.16 14.15
CA TYR A 248 -12.75 -27.53 14.08
C TYR A 248 -14.22 -27.60 14.37
N MET A 249 -14.67 -26.88 15.39
CA MET A 249 -16.07 -26.92 15.73
C MET A 249 -16.95 -26.46 14.59
N VAL A 250 -16.63 -25.34 13.91
CA VAL A 250 -17.48 -24.86 12.84
C VAL A 250 -17.43 -25.79 11.64
N LEU A 251 -16.28 -26.47 11.43
CA LEU A 251 -16.17 -27.49 10.43
C LEU A 251 -17.15 -28.63 10.68
N ASP A 252 -17.12 -29.20 11.90
CA ASP A 252 -18.10 -30.21 12.28
C ASP A 252 -19.50 -29.74 12.02
N GLU A 253 -19.80 -28.52 12.43
CA GLU A 253 -21.18 -28.02 12.32
C GLU A 253 -21.60 -27.82 10.87
N GLU A 254 -20.70 -27.47 10.00
CA GLU A 254 -21.10 -27.40 8.57
C GLU A 254 -21.13 -28.76 7.94
N LEU A 255 -20.32 -29.67 8.46
CA LEU A 255 -20.40 -31.07 8.01
CA LEU A 255 -20.42 -31.04 8.01
C LEU A 255 -21.79 -31.63 8.34
N LYS A 256 -22.38 -31.19 9.44
CA LYS A 256 -23.76 -31.62 9.76
C LYS A 256 -24.73 -31.16 8.70
N MET A 257 -24.61 -29.90 8.34
CA MET A 257 -25.49 -29.28 7.41
C MET A 257 -25.36 -29.91 6.04
N MET A 258 -24.14 -30.15 5.62
CA MET A 258 -23.86 -30.76 4.32
C MET A 258 -24.35 -32.22 4.30
N ALA A 259 -24.27 -32.88 5.42
CA ALA A 259 -24.84 -34.23 5.55
C ALA A 259 -26.34 -34.30 5.45
N ARG A 260 -27.03 -33.21 5.75
CA ARG A 260 -28.47 -33.12 5.58
C ARG A 260 -28.88 -32.70 4.16
N ILE A 261 -28.14 -31.80 3.49
CA ILE A 261 -28.54 -31.35 2.14
C ILE A 261 -27.97 -32.22 0.98
N CYS A 262 -26.89 -32.93 1.26
CA CYS A 262 -26.23 -33.84 0.32
C CYS A 262 -26.38 -35.29 0.74
N PRO A 263 -27.06 -36.13 -0.08
CA PRO A 263 -27.29 -37.52 0.39
C PRO A 263 -26.02 -38.27 0.78
N ALA A 264 -24.92 -38.06 0.07
CA ALA A 264 -23.64 -38.74 0.42
C ALA A 264 -22.73 -37.83 1.28
N GLY A 265 -23.24 -36.68 1.75
CA GLY A 265 -22.53 -35.82 2.66
C GLY A 265 -21.44 -35.02 2.03
N GLY A 266 -20.68 -34.37 2.86
CA GLY A 266 -19.66 -33.42 2.36
C GLY A 266 -18.23 -33.99 2.43
N GLN A 267 -17.36 -33.47 1.58
CA GLN A 267 -15.91 -33.74 1.57
C GLN A 267 -15.19 -32.42 1.86
N VAL A 268 -14.27 -32.47 2.84
CA VAL A 268 -13.57 -31.31 3.37
C VAL A 268 -12.31 -31.07 2.55
N THR A 269 -12.02 -29.82 2.21
CA THR A 269 -10.69 -29.50 1.72
C THR A 269 -10.23 -28.23 2.50
N GLY A 270 -8.95 -27.91 2.42
CA GLY A 270 -8.35 -26.87 3.24
C GLY A 270 -7.54 -27.48 4.34
N PRO A 271 -7.25 -26.73 5.39
CA PRO A 271 -7.64 -25.35 5.62
C PRO A 271 -6.75 -24.35 4.86
N HIS A 272 -7.20 -23.09 4.79
CA HIS A 272 -6.54 -22.04 4.02
CA HIS A 272 -6.53 -22.04 4.02
C HIS A 272 -6.52 -20.83 4.94
N LEU A 273 -5.58 -19.92 4.72
CA LEU A 273 -5.55 -18.66 5.47
C LEU A 273 -6.10 -17.63 4.54
N ARG A 274 -7.21 -16.99 4.95
CA ARG A 274 -7.80 -15.93 4.14
C ARG A 274 -7.33 -14.60 4.68
N GLU A 275 -6.63 -13.83 3.88
CA GLU A 275 -6.01 -12.58 4.31
C GLU A 275 -6.85 -11.39 3.86
N MET A 276 -7.32 -10.60 4.81
CA MET A 276 -8.09 -9.41 4.50
C MET A 276 -7.24 -8.20 4.82
N ALA A 277 -7.83 -7.02 4.83
CA ALA A 277 -7.06 -5.80 5.03
C ALA A 277 -6.62 -5.57 6.44
N ARG A 278 -7.41 -5.98 7.43
CA ARG A 278 -7.12 -5.67 8.81
C ARG A 278 -7.08 -6.93 9.68
N LEU A 279 -7.32 -8.08 9.08
CA LEU A 279 -7.28 -9.33 9.82
C LEU A 279 -7.07 -10.45 8.83
N ALA A 280 -6.83 -11.65 9.33
CA ALA A 280 -6.89 -12.87 8.51
C ALA A 280 -7.65 -13.92 9.24
N HIS A 281 -8.30 -14.80 8.49
CA HIS A 281 -9.04 -15.91 9.08
C HIS A 281 -8.49 -17.24 8.62
N THR A 282 -8.72 -18.25 9.43
CA THR A 282 -8.60 -19.65 8.94
C THR A 282 -9.93 -20.18 8.43
N GLU A 283 -9.88 -21.05 7.41
CA GLU A 283 -11.12 -21.58 6.84
C GLU A 283 -10.92 -22.95 6.21
N TYR A 284 -12.01 -23.70 6.16
CA TYR A 284 -12.10 -24.94 5.41
C TYR A 284 -13.13 -24.78 4.29
N PHE A 285 -13.15 -25.71 3.36
CA PHE A 285 -14.24 -25.79 2.39
C PHE A 285 -14.84 -27.14 2.49
N ILE A 286 -16.11 -27.26 2.13
CA ILE A 286 -16.78 -28.53 2.06
C ILE A 286 -17.59 -28.59 0.77
N VAL A 287 -17.48 -29.69 0.05
CA VAL A 287 -18.23 -29.85 -1.22
CA VAL A 287 -18.20 -29.86 -1.22
C VAL A 287 -19.03 -31.15 -1.19
N GLY A 288 -20.16 -31.16 -1.87
CA GLY A 288 -20.96 -32.41 -2.04
C GLY A 288 -21.95 -32.24 -3.16
N HIS A 289 -22.61 -33.32 -3.55
CA HIS A 289 -23.60 -33.26 -4.58
CA HIS A 289 -23.62 -33.26 -4.56
C HIS A 289 -25.03 -33.13 -3.93
N THR A 290 -25.92 -32.35 -4.55
CA THR A 290 -27.30 -32.26 -4.08
C THR A 290 -28.21 -32.06 -5.26
N GLU A 291 -29.43 -32.52 -5.12
CA GLU A 291 -30.47 -32.24 -6.11
C GLU A 291 -31.67 -31.51 -5.52
N ALA A 292 -31.60 -31.07 -4.29
CA ALA A 292 -32.75 -30.32 -3.67
C ALA A 292 -33.09 -29.01 -4.40
N ASP A 293 -34.35 -28.62 -4.34
CA ASP A 293 -34.79 -27.36 -4.83
C ASP A 293 -34.10 -26.19 -4.07
N VAL A 294 -33.78 -25.13 -4.79
CA VAL A 294 -33.03 -24.03 -4.20
C VAL A 294 -33.73 -23.41 -3.02
N ARG A 295 -35.05 -23.35 -3.07
CA ARG A 295 -35.78 -22.84 -1.95
C ARG A 295 -35.68 -23.68 -0.71
N ASP A 296 -35.65 -25.01 -0.87
CA ASP A 296 -35.45 -25.92 0.27
C ASP A 296 -34.04 -25.85 0.80
N LEU A 297 -33.08 -25.68 -0.11
CA LEU A 297 -31.66 -25.53 0.27
C LEU A 297 -31.44 -24.27 1.13
N LEU A 298 -32.06 -23.17 0.73
CA LEU A 298 -31.96 -21.94 1.45
C LEU A 298 -32.64 -22.09 2.83
N ARG A 299 -33.85 -22.67 2.89
CA ARG A 299 -34.56 -22.85 4.15
C ARG A 299 -33.76 -23.72 5.14
N GLU A 300 -33.25 -24.84 4.66
CA GLU A 300 -32.60 -25.76 5.53
C GLU A 300 -31.21 -25.33 5.97
N THR A 301 -30.60 -24.37 5.29
CA THR A 301 -29.30 -23.93 5.69
C THR A 301 -29.33 -22.62 6.47
N MET A 302 -30.49 -22.10 6.77
CA MET A 302 -30.57 -20.93 7.65
C MET A 302 -30.17 -21.32 9.08
N PHE A 303 -29.17 -20.71 9.70
CA PHE A 303 -28.12 -19.90 9.05
C PHE A 303 -26.83 -20.58 9.42
N ALA A 304 -25.72 -20.14 8.85
CA ALA A 304 -24.49 -20.84 9.07
C ALA A 304 -24.09 -20.90 10.55
N PRO A 305 -23.42 -21.98 10.98
CA PRO A 305 -23.09 -22.02 12.41
C PRO A 305 -22.00 -21.06 12.77
N THR A 306 -21.29 -20.61 11.77
CA THR A 306 -20.28 -19.57 11.98
C THR A 306 -20.82 -18.24 12.44
N VAL A 307 -22.12 -18.02 12.25
CA VAL A 307 -22.74 -16.79 12.68
C VAL A 307 -23.93 -16.97 13.63
N THR A 308 -24.14 -18.19 14.16
CA THR A 308 -25.20 -18.48 15.09
C THR A 308 -24.66 -19.34 16.23
N GLY A 309 -24.36 -20.58 15.92
CA GLY A 309 -23.72 -21.46 16.87
C GLY A 309 -24.23 -22.86 16.65
N SER A 310 -23.99 -23.72 17.66
CA SER A 310 -24.27 -25.11 17.55
C SER A 310 -24.51 -25.81 18.86
N PRO A 311 -25.48 -26.71 18.86
CA PRO A 311 -26.41 -27.04 17.76
C PRO A 311 -27.32 -25.85 17.44
N ILE A 312 -27.85 -25.83 16.22
CA ILE A 312 -28.48 -24.65 15.65
C ILE A 312 -29.70 -24.23 16.40
N GLU A 313 -30.56 -25.15 16.78
CA GLU A 313 -31.79 -24.75 17.45
C GLU A 313 -31.46 -24.19 18.83
N SER A 314 -30.54 -24.84 19.54
CA SER A 314 -30.14 -24.37 20.83
C SER A 314 -29.55 -22.97 20.73
N ALA A 315 -28.73 -22.78 19.72
CA ALA A 315 -28.14 -21.47 19.42
C ALA A 315 -29.15 -20.35 19.24
N THR A 316 -30.26 -20.63 18.54
CA THR A 316 -31.32 -19.61 18.38
C THR A 316 -31.90 -19.22 19.75
N ARG A 317 -31.97 -20.18 20.66
CA ARG A 317 -32.43 -19.89 22.01
C ARG A 317 -31.42 -19.11 22.81
N VAL A 318 -30.14 -19.45 22.68
CA VAL A 318 -29.09 -18.74 23.38
C VAL A 318 -29.08 -17.28 22.90
N ILE A 319 -29.17 -17.12 21.59
CA ILE A 319 -29.17 -15.77 20.95
C ILE A 319 -30.32 -14.95 21.53
N ALA A 320 -31.50 -15.58 21.64
CA ALA A 320 -32.65 -14.88 22.09
C ALA A 320 -32.52 -14.49 23.57
N ARG A 321 -31.81 -15.32 24.36
CA ARG A 321 -31.67 -15.06 25.75
C ARG A 321 -30.77 -13.89 25.96
N HIS A 322 -29.75 -13.71 25.12
CA HIS A 322 -28.78 -12.68 25.40
C HIS A 322 -28.87 -11.44 24.50
N GLU A 323 -29.56 -11.49 23.36
CA GLU A 323 -29.75 -10.31 22.50
C GLU A 323 -31.14 -9.79 22.81
N ARG A 324 -31.25 -8.51 23.10
CA ARG A 324 -32.54 -7.88 23.26
C ARG A 324 -33.09 -7.45 21.90
N ALA A 325 -32.22 -6.97 21.04
CA ALA A 325 -32.65 -6.46 19.74
C ALA A 325 -32.83 -7.60 18.73
N GLY A 326 -33.67 -7.41 17.73
CA GLY A 326 -33.66 -8.29 16.58
C GLY A 326 -32.35 -8.14 15.81
N ARG A 327 -32.06 -9.06 14.93
CA ARG A 327 -30.81 -9.02 14.14
C ARG A 327 -30.87 -8.31 12.78
N GLY A 328 -32.06 -7.98 12.30
CA GLY A 328 -32.18 -7.40 10.97
C GLY A 328 -31.73 -8.50 9.98
N TYR A 329 -30.77 -8.17 9.15
CA TYR A 329 -30.23 -9.10 8.17
C TYR A 329 -28.86 -9.60 8.60
N TYR A 330 -28.40 -9.15 9.76
CA TYR A 330 -27.16 -9.74 10.29
C TYR A 330 -27.26 -11.28 10.47
N SER A 331 -26.24 -11.98 9.95
CA SER A 331 -26.11 -13.45 9.91
C SER A 331 -27.00 -14.08 8.82
N GLY A 332 -27.76 -13.24 8.14
CA GLY A 332 -28.62 -13.67 7.07
C GLY A 332 -27.82 -13.88 5.77
N ILE A 333 -28.55 -13.95 4.67
CA ILE A 333 -28.05 -14.44 3.37
C ILE A 333 -28.37 -13.47 2.25
N ALA A 334 -27.42 -13.18 1.39
CA ALA A 334 -27.72 -12.50 0.08
C ALA A 334 -27.49 -13.57 -0.99
N ALA A 335 -28.53 -13.91 -1.73
CA ALA A 335 -28.52 -15.04 -2.69
C ALA A 335 -28.83 -14.61 -4.10
N LEU A 336 -27.96 -14.97 -5.05
CA LEU A 336 -28.24 -14.76 -6.46
C LEU A 336 -28.66 -16.10 -7.00
N ILE A 337 -29.86 -16.19 -7.55
CA ILE A 337 -30.41 -17.50 -7.96
C ILE A 337 -30.60 -17.44 -9.42
N GLY A 338 -30.08 -18.45 -10.13
CA GLY A 338 -30.10 -18.41 -11.56
C GLY A 338 -30.21 -19.73 -12.26
N ARG A 339 -29.86 -19.67 -13.53
CA ARG A 339 -29.81 -20.85 -14.45
C ARG A 339 -28.53 -20.87 -15.21
N ASP A 340 -27.92 -22.06 -15.36
CA ASP A 340 -26.81 -22.17 -16.31
C ASP A 340 -27.32 -22.34 -17.75
N ALA A 341 -26.37 -22.37 -18.68
CA ALA A 341 -26.62 -22.46 -20.14
C ALA A 341 -27.53 -23.63 -20.50
N ARG A 342 -27.35 -24.74 -19.79
CA ARG A 342 -28.10 -25.99 -20.01
C ARG A 342 -29.35 -26.05 -19.17
N GLY A 343 -29.68 -25.02 -18.41
CA GLY A 343 -30.98 -25.02 -17.66
C GLY A 343 -30.90 -25.44 -16.21
N GLY A 344 -29.73 -25.85 -15.76
CA GLY A 344 -29.60 -26.30 -14.39
C GLY A 344 -29.52 -25.10 -13.42
N ARG A 345 -30.02 -25.33 -12.22
CA ARG A 345 -29.99 -24.32 -11.15
C ARG A 345 -28.59 -23.83 -10.77
N THR A 346 -28.43 -22.51 -10.57
CA THR A 346 -27.24 -21.94 -10.02
C THR A 346 -27.60 -21.12 -8.80
N LEU A 347 -26.71 -21.13 -7.82
CA LEU A 347 -26.86 -20.36 -6.64
C LEU A 347 -25.50 -19.85 -6.27
N ASP A 348 -25.41 -18.55 -6.03
CA ASP A 348 -24.27 -17.97 -5.36
C ASP A 348 -24.82 -17.11 -4.25
N SER A 349 -24.35 -17.36 -3.03
CA SER A 349 -24.88 -16.71 -1.87
C SER A 349 -23.78 -16.43 -0.89
N ALA A 350 -23.92 -15.33 -0.18
CA ALA A 350 -22.95 -14.84 0.78
C ALA A 350 -23.63 -14.55 2.11
N ILE A 351 -22.89 -14.77 3.20
CA ILE A 351 -23.33 -14.46 4.53
C ILE A 351 -23.25 -12.97 4.79
N LEU A 352 -24.34 -12.38 5.28
CA LEU A 352 -24.36 -10.94 5.61
C LEU A 352 -23.68 -10.66 6.96
N ILE A 353 -22.38 -10.51 6.88
CA ILE A 353 -21.55 -9.98 7.92
C ILE A 353 -20.63 -8.99 7.27
N ARG A 354 -19.90 -8.24 8.08
CA ARG A 354 -19.07 -7.13 7.59
C ARG A 354 -19.82 -6.24 6.62
N THR A 355 -21.07 -5.90 7.01
CA THR A 355 -22.08 -5.27 6.18
C THR A 355 -22.81 -4.16 6.97
N ALA A 356 -23.03 -3.03 6.31
CA ALA A 356 -23.81 -1.95 6.85
C ALA A 356 -25.22 -2.03 6.24
N GLU A 357 -26.23 -1.93 7.08
CA GLU A 357 -27.61 -1.68 6.65
C GLU A 357 -27.92 -0.25 6.94
N ILE A 358 -28.44 0.43 5.94
CA ILE A 358 -28.68 1.86 6.08
C ILE A 358 -30.13 2.18 5.75
N ASP A 359 -30.83 2.87 6.65
CA ASP A 359 -32.22 3.14 6.41
C ASP A 359 -32.37 4.45 5.60
N ARG A 360 -33.61 4.81 5.21
CA ARG A 360 -33.87 6.05 4.45
C ARG A 360 -33.34 7.28 5.16
N ALA A 361 -33.39 7.30 6.47
CA ALA A 361 -32.93 8.45 7.22
C ALA A 361 -31.44 8.56 7.26
N GLY A 362 -30.72 7.59 6.70
CA GLY A 362 -29.27 7.57 6.85
C GLY A 362 -28.72 7.01 8.17
N HIS A 363 -29.53 6.27 8.94
CA HIS A 363 -29.02 5.55 10.10
CA HIS A 363 -29.05 5.54 10.12
C HIS A 363 -28.35 4.25 9.68
N VAL A 364 -27.11 4.09 10.09
CA VAL A 364 -26.25 2.97 9.70
C VAL A 364 -26.14 1.99 10.88
N ARG A 365 -26.38 0.71 10.62
CA ARG A 365 -26.19 -0.36 11.58
C ARG A 365 -25.27 -1.45 11.02
N ILE A 366 -24.15 -1.69 11.71
CA ILE A 366 -23.15 -2.69 11.33
C ILE A 366 -23.03 -3.74 12.42
N GLY A 367 -23.59 -4.90 12.12
CA GLY A 367 -23.64 -6.01 13.03
C GLY A 367 -22.31 -6.70 13.07
N VAL A 368 -21.93 -7.14 14.27
CA VAL A 368 -20.72 -7.94 14.39
C VAL A 368 -20.71 -8.79 15.66
N GLY A 369 -20.12 -9.98 15.56
CA GLY A 369 -19.94 -10.86 16.70
C GLY A 369 -18.70 -11.74 16.49
N SER A 370 -18.58 -12.75 17.31
CA SER A 370 -17.49 -13.69 17.21
C SER A 370 -17.86 -15.03 17.80
N THR A 371 -17.15 -16.04 17.38
CA THR A 371 -17.44 -17.38 17.81
C THR A 371 -16.93 -17.55 19.23
N LEU A 372 -17.85 -17.69 20.18
CA LEU A 372 -17.53 -17.89 21.57
C LEU A 372 -17.41 -19.38 21.87
N VAL A 373 -16.33 -19.74 22.51
CA VAL A 373 -16.02 -21.16 22.86
C VAL A 373 -15.55 -21.22 24.27
N ARG A 374 -15.35 -22.43 24.76
CA ARG A 374 -15.11 -22.69 26.18
C ARG A 374 -13.88 -21.96 26.71
N HIS A 375 -12.87 -21.81 25.84
CA HIS A 375 -11.61 -21.15 26.19
C HIS A 375 -11.50 -19.71 25.63
N SER A 376 -12.61 -19.12 25.23
CA SER A 376 -12.58 -17.73 24.81
C SER A 376 -12.14 -16.84 25.97
N ASP A 377 -11.47 -15.74 25.63
CA ASP A 377 -11.10 -14.68 26.53
C ASP A 377 -11.94 -13.47 26.17
N ALA A 378 -12.75 -12.98 27.13
CA ALA A 378 -13.76 -11.94 26.85
C ALA A 378 -13.17 -10.64 26.24
N VAL A 379 -12.05 -10.17 26.76
CA VAL A 379 -11.36 -8.98 26.21
C VAL A 379 -10.87 -9.23 24.79
N SER A 380 -10.34 -10.43 24.50
CA SER A 380 -9.91 -10.78 23.15
C SER A 380 -11.08 -10.81 22.22
N GLU A 381 -12.21 -11.36 22.68
CA GLU A 381 -13.41 -11.36 21.80
C GLU A 381 -13.89 -9.94 21.51
N VAL A 382 -13.83 -9.05 22.49
CA VAL A 382 -14.18 -7.64 22.22
C VAL A 382 -13.30 -7.06 21.11
N MET A 383 -11.98 -7.30 21.22
CA MET A 383 -11.01 -6.81 20.24
CA MET A 383 -10.99 -6.82 20.27
C MET A 383 -11.24 -7.43 18.90
N GLU A 384 -11.66 -8.67 18.88
CA GLU A 384 -11.91 -9.33 17.63
C GLU A 384 -13.07 -8.59 16.92
N THR A 385 -14.09 -8.18 17.68
CA THR A 385 -15.21 -7.50 17.04
C THR A 385 -14.76 -6.15 16.46
N HIS A 386 -13.92 -5.40 17.19
CA HIS A 386 -13.31 -4.22 16.58
C HIS A 386 -12.56 -4.51 15.29
N ALA A 387 -11.73 -5.57 15.25
CA ALA A 387 -10.95 -5.83 14.04
C ALA A 387 -11.88 -6.15 12.85
N LYS A 388 -12.94 -6.89 13.08
CA LYS A 388 -13.79 -7.32 12.03
C LYS A 388 -14.54 -6.13 11.42
N VAL A 389 -14.92 -5.14 12.23
CA VAL A 389 -15.63 -3.98 11.66
C VAL A 389 -14.63 -2.94 11.06
N ALA A 390 -13.32 -3.12 11.30
CA ALA A 390 -12.38 -2.11 10.94
C ALA A 390 -12.39 -1.73 9.46
N ALA A 391 -12.42 -2.67 8.52
CA ALA A 391 -12.30 -2.29 7.10
C ALA A 391 -13.55 -1.53 6.70
N LEU A 392 -14.70 -2.00 7.14
CA LEU A 392 -15.94 -1.32 6.79
C LEU A 392 -16.01 0.07 7.43
N SER A 393 -15.65 0.13 8.69
CA SER A 393 -15.65 1.40 9.40
C SER A 393 -14.68 2.42 8.76
N ASN A 394 -13.52 1.95 8.30
CA ASN A 394 -12.55 2.76 7.52
C ASN A 394 -13.08 3.22 6.17
N ALA A 395 -13.95 2.43 5.53
CA ALA A 395 -14.57 2.79 4.30
C ALA A 395 -15.56 3.96 4.48
N PHE A 396 -16.18 4.08 5.64
CA PHE A 396 -17.06 5.22 5.93
C PHE A 396 -16.18 6.46 6.28
N ASP A 397 -15.19 6.25 7.14
CA ASP A 397 -14.32 7.33 7.74
C ASP A 397 -12.87 6.95 7.54
N PRO A 398 -12.28 7.24 6.38
CA PRO A 398 -10.88 6.83 6.11
C PRO A 398 -9.86 7.39 7.15
N PRO A 399 -8.96 6.54 7.69
CA PRO A 399 -8.04 6.99 8.73
C PRO A 399 -7.06 8.03 8.23
N GLU A 400 -6.50 8.81 9.16
CA GLU A 400 -5.54 9.90 8.86
C GLU A 400 -4.28 9.40 8.13
N ALA A 401 -3.57 10.33 7.50
CA ALA A 401 -2.58 10.08 6.40
C ALA A 401 -1.42 9.06 6.63
N GLY A 402 -0.48 9.43 7.49
CA GLY A 402 0.77 8.65 7.70
C GLY A 402 2.02 9.50 7.49
N PRO A 403 1.84 10.80 7.24
CA PRO A 403 2.92 11.77 7.19
C PRO A 403 2.40 13.22 7.23
N ALA A 404 2.13 13.80 6.07
CA ALA A 404 1.96 15.24 5.93
C ALA A 404 3.21 15.92 6.53
N LEU A 405 4.36 15.26 6.39
CA LEU A 405 5.58 15.70 7.06
C LEU A 405 5.93 17.12 6.72
N GLY A 406 5.70 17.49 5.48
CA GLY A 406 6.11 18.80 5.02
C GLY A 406 5.36 19.92 5.73
N GLN A 407 4.19 19.60 6.31
CA GLN A 407 3.37 20.56 6.97
C GLN A 407 3.45 20.38 8.51
N HIS A 408 4.37 19.53 8.98
CA HIS A 408 4.57 19.38 10.40
C HIS A 408 5.24 20.62 10.99
N PRO A 409 4.78 21.10 12.12
CA PRO A 409 5.33 22.32 12.65
C PRO A 409 6.85 22.28 12.93
N SER A 410 7.41 21.15 13.33
CA SER A 410 8.88 21.06 13.52
C SER A 410 9.61 21.13 12.19
N VAL A 411 9.01 20.60 11.11
CA VAL A 411 9.65 20.67 9.76
C VAL A 411 9.60 22.08 9.25
N GLN A 412 8.43 22.73 9.37
CA GLN A 412 8.30 24.11 8.94
C GLN A 412 9.27 25.03 9.67
N ALA A 413 9.40 24.87 11.00
CA ALA A 413 10.39 25.63 11.77
C ALA A 413 11.86 25.37 11.29
N ALA A 414 12.22 24.11 11.12
CA ALA A 414 13.55 23.74 10.66
C ALA A 414 13.83 24.37 9.31
N LEU A 415 12.82 24.37 8.45
CA LEU A 415 13.03 24.90 7.09
C LEU A 415 13.21 26.46 7.11
N ARG A 416 12.36 27.16 7.82
CA ARG A 416 12.47 28.58 8.00
C ARG A 416 13.84 28.97 8.60
N GLU A 417 14.37 28.16 9.50
CA GLU A 417 15.65 28.44 10.10
C GLU A 417 16.79 28.35 9.12
N ARG A 418 16.62 27.63 8.01
CA ARG A 418 17.69 27.63 6.96
C ARG A 418 17.96 28.99 6.33
N ASN A 419 16.99 29.90 6.43
CA ASN A 419 17.11 31.22 5.83
C ASN A 419 17.64 32.26 6.78
N GLU A 420 17.91 31.91 8.02
CA GLU A 420 18.45 32.87 8.98
C GLU A 420 19.97 32.83 8.90
N GLY A 421 20.59 33.98 9.03
CA GLY A 421 22.06 34.04 9.02
C GLY A 421 22.74 33.65 7.71
N ILE A 422 22.02 33.80 6.60
CA ILE A 422 22.57 33.68 5.24
C ILE A 422 22.27 34.98 4.49
N ALA A 423 22.54 35.05 3.19
CA ALA A 423 22.45 36.34 2.44
C ALA A 423 21.00 36.87 2.33
N ASP A 424 20.80 38.15 2.60
CA ASP A 424 19.50 38.80 2.39
CA ASP A 424 19.47 38.76 2.39
C ASP A 424 19.25 39.07 0.93
N PHE A 425 20.33 39.40 0.22
CA PHE A 425 20.19 39.96 -1.12
C PHE A 425 19.39 39.07 -2.06
N TRP A 426 19.67 37.77 -2.03
CA TRP A 426 19.05 36.86 -3.03
C TRP A 426 17.57 36.55 -2.74
N PHE A 427 17.10 36.91 -1.53
CA PHE A 427 15.69 36.75 -1.13
C PHE A 427 14.85 38.00 -1.36
N ARG A 428 15.48 39.11 -1.73
CA ARG A 428 14.79 40.36 -2.10
C ARG A 428 14.20 40.34 -3.51
N PRO A 429 13.12 41.10 -3.78
CA PRO A 429 12.57 41.13 -5.13
C PRO A 429 13.65 41.59 -6.09
N TYR A 430 13.71 40.95 -7.23
CA TYR A 430 14.76 41.31 -8.16
C TYR A 430 14.53 42.72 -8.69
N GLY A 431 13.27 43.13 -8.84
CA GLY A 431 12.99 44.50 -9.26
C GLY A 431 13.61 45.51 -8.30
N GLY A 432 13.36 45.35 -7.00
CA GLY A 432 13.78 46.36 -6.03
C GLY A 432 14.95 45.93 -5.20
N ARG A 433 16.16 45.93 -5.77
CA ARG A 433 17.40 45.67 -5.00
C ARG A 433 18.60 46.30 -5.71
N ALA A 442 26.71 55.88 -2.33
CA ALA A 442 27.23 56.79 -3.32
C ALA A 442 28.65 56.33 -3.63
N GLU A 443 29.55 57.29 -3.90
CA GLU A 443 31.05 57.09 -3.97
C GLU A 443 31.57 56.13 -5.05
N LEU A 444 30.90 54.99 -5.14
CA LEU A 444 31.06 53.98 -6.20
C LEU A 444 30.05 54.22 -7.32
N SER A 445 29.12 55.15 -7.13
CA SER A 445 28.03 55.31 -8.08
C SER A 445 28.58 55.63 -9.48
N GLY A 446 28.20 54.87 -10.50
CA GLY A 446 28.77 55.06 -11.84
C GLY A 446 30.21 54.61 -12.10
N CYS A 447 30.91 54.07 -11.12
CA CYS A 447 32.19 53.40 -11.32
CA CYS A 447 32.19 53.39 -11.34
C CYS A 447 31.96 52.19 -12.29
N ARG A 448 32.84 51.99 -13.26
CA ARG A 448 32.72 50.90 -14.24
C ARG A 448 33.66 49.74 -13.88
N ALA A 449 33.08 48.55 -13.74
CA ALA A 449 33.83 47.34 -13.41
C ALA A 449 33.84 46.37 -14.59
N LEU A 450 35.02 45.86 -14.89
CA LEU A 450 35.20 44.74 -15.80
C LEU A 450 35.35 43.51 -14.91
N ILE A 451 34.54 42.46 -15.17
CA ILE A 451 34.63 41.20 -14.40
C ILE A 451 35.15 40.18 -15.40
N VAL A 452 36.30 39.59 -15.06
CA VAL A 452 36.94 38.60 -15.85
C VAL A 452 36.61 37.20 -15.33
N ASP A 453 35.87 36.46 -16.14
CA ASP A 453 35.42 35.09 -15.83
C ASP A 453 36.49 34.05 -16.13
N ALA A 454 36.77 33.18 -15.15
CA ALA A 454 37.75 32.11 -15.30
C ALA A 454 37.10 30.73 -15.20
N GLU A 455 35.89 30.67 -15.73
CA GLU A 455 35.11 29.44 -15.93
C GLU A 455 34.35 29.11 -14.64
N ASP A 456 33.79 30.13 -13.98
CA ASP A 456 32.85 29.89 -12.89
C ASP A 456 31.85 31.03 -12.93
N HIS A 457 30.57 30.75 -13.15
CA HIS A 457 29.65 31.85 -13.37
C HIS A 457 29.19 32.57 -12.12
N PHE A 458 29.88 32.34 -11.02
CA PHE A 458 29.75 33.23 -9.86
C PHE A 458 29.94 34.69 -10.29
N THR A 459 30.74 34.89 -11.32
CA THR A 459 30.83 36.24 -11.89
C THR A 459 29.50 36.88 -12.20
N ALA A 460 28.52 36.13 -12.70
CA ALA A 460 27.20 36.71 -12.96
C ALA A 460 26.57 37.19 -11.61
N MET A 461 26.87 36.48 -10.54
CA MET A 461 26.31 36.88 -9.23
C MET A 461 27.03 38.13 -8.69
N ILE A 462 28.35 38.18 -8.86
CA ILE A 462 29.13 39.33 -8.47
C ILE A 462 28.60 40.59 -9.21
N ALA A 463 28.32 40.45 -10.49
CA ALA A 463 27.84 41.54 -11.32
C ALA A 463 26.51 42.08 -10.76
N GLN A 464 25.59 41.20 -10.42
CA GLN A 464 24.32 41.68 -9.87
C GLN A 464 24.58 42.49 -8.59
N GLN A 465 25.48 42.01 -7.72
CA GLN A 465 25.70 42.73 -6.44
C GLN A 465 26.39 44.05 -6.69
N LEU A 466 27.38 44.06 -7.58
CA LEU A 466 28.01 45.32 -7.92
C LEU A 466 27.04 46.34 -8.55
N SER A 467 26.10 45.89 -9.38
CA SER A 467 25.13 46.78 -9.97
C SER A 467 24.29 47.37 -8.87
N SER A 468 23.96 46.58 -7.86
CA SER A 468 23.14 47.11 -6.76
C SER A 468 23.88 48.22 -6.00
N LEU A 469 25.20 48.19 -5.99
CA LEU A 469 25.99 49.23 -5.38
C LEU A 469 26.06 50.47 -6.28
N GLY A 470 25.53 50.37 -7.50
CA GLY A 470 25.58 51.49 -8.43
C GLY A 470 26.72 51.48 -9.45
N LEU A 471 27.51 50.42 -9.50
CA LEU A 471 28.49 50.32 -10.57
C LEU A 471 27.83 49.86 -11.89
N ALA A 472 28.44 50.22 -13.00
CA ALA A 472 28.09 49.66 -14.30
C ALA A 472 29.05 48.52 -14.42
N THR A 473 28.60 47.39 -14.94
CA THR A 473 29.46 46.20 -15.00
C THR A 473 29.47 45.55 -16.40
N GLU A 474 30.59 44.91 -16.71
CA GLU A 474 30.74 44.11 -17.91
C GLU A 474 31.53 42.86 -17.57
N VAL A 475 31.09 41.71 -18.09
CA VAL A 475 31.78 40.41 -17.89
C VAL A 475 32.48 40.00 -19.22
N CYS A 476 33.78 39.70 -19.17
CA CYS A 476 34.52 39.09 -20.28
C CYS A 476 35.15 37.79 -19.81
N GLY A 477 35.72 37.08 -20.75
CA GLY A 477 36.46 35.85 -20.46
C GLY A 477 37.94 36.18 -20.32
N VAL A 478 38.65 35.30 -19.62
CA VAL A 478 40.10 35.39 -19.40
C VAL A 478 40.86 35.55 -20.63
N HIS A 479 40.50 34.77 -21.64
CA HIS A 479 41.24 34.76 -22.90
C HIS A 479 40.93 35.96 -23.79
N ASP A 480 39.98 36.82 -23.42
CA ASP A 480 39.67 37.97 -24.29
C ASP A 480 40.70 39.10 -24.17
N ALA A 481 40.79 39.89 -25.24
CA ALA A 481 41.60 41.11 -25.27
C ALA A 481 40.65 42.26 -24.99
N VAL A 482 41.03 43.09 -24.04
CA VAL A 482 40.15 44.14 -23.55
C VAL A 482 40.91 45.46 -23.56
N ASP A 483 40.20 46.59 -23.60
CA ASP A 483 40.78 47.93 -23.43
C ASP A 483 40.44 48.45 -22.04
N LEU A 484 41.46 48.39 -21.18
CA LEU A 484 41.32 48.65 -19.74
C LEU A 484 40.98 50.13 -19.42
N ALA A 485 41.27 51.04 -20.36
CA ALA A 485 40.91 52.45 -20.21
C ALA A 485 39.39 52.68 -20.04
N ARG A 486 38.54 51.78 -20.52
CA ARG A 486 37.07 51.97 -20.38
C ARG A 486 36.52 51.61 -18.99
N TYR A 487 37.39 51.11 -18.12
CA TYR A 487 37.00 50.66 -16.78
C TYR A 487 37.78 51.36 -15.69
N ASP A 488 37.15 51.48 -14.54
CA ASP A 488 37.77 52.02 -13.32
C ASP A 488 38.37 50.91 -12.43
N VAL A 489 37.81 49.71 -12.50
CA VAL A 489 38.28 48.61 -11.67
C VAL A 489 38.08 47.28 -12.45
N VAL A 490 39.00 46.35 -12.25
CA VAL A 490 38.92 44.99 -12.79
C VAL A 490 38.71 43.98 -11.64
N VAL A 491 37.69 43.14 -11.79
CA VAL A 491 37.46 42.03 -10.91
C VAL A 491 37.91 40.73 -11.56
N MET A 492 38.94 40.14 -10.98
CA MET A 492 39.50 38.88 -11.41
C MET A 492 38.78 37.75 -10.66
N GLY A 493 38.10 36.93 -11.44
CA GLY A 493 37.12 35.99 -10.94
C GLY A 493 37.63 34.64 -10.44
N PRO A 494 36.71 33.86 -9.87
CA PRO A 494 36.99 32.53 -9.36
C PRO A 494 37.10 31.52 -10.51
N GLY A 495 37.61 30.32 -10.20
CA GLY A 495 37.50 29.23 -11.12
C GLY A 495 38.06 27.94 -10.58
N PRO A 496 37.86 26.87 -11.33
CA PRO A 496 38.32 25.55 -10.92
C PRO A 496 39.79 25.42 -11.17
N GLY A 497 40.39 24.41 -10.55
CA GLY A 497 41.79 24.06 -10.78
C GLY A 497 42.67 24.43 -9.59
N ASP A 498 43.95 24.17 -9.77
CA ASP A 498 44.92 24.34 -8.73
C ASP A 498 45.70 25.63 -9.06
N PRO A 499 45.64 26.63 -8.17
CA PRO A 499 46.26 27.91 -8.49
C PRO A 499 47.76 27.86 -8.69
N SER A 500 48.39 26.77 -8.26
CA SER A 500 49.84 26.57 -8.47
C SER A 500 50.16 25.89 -9.82
N ASP A 501 49.16 25.63 -10.62
CA ASP A 501 49.30 24.84 -11.86
C ASP A 501 49.45 25.76 -13.06
N ALA A 502 50.61 26.40 -13.15
CA ALA A 502 50.93 27.26 -14.28
C ALA A 502 51.07 26.50 -15.62
N GLY A 503 51.06 25.16 -15.59
CA GLY A 503 50.94 24.33 -16.81
C GLY A 503 49.54 24.19 -17.41
N ASP A 504 48.55 24.85 -16.79
CA ASP A 504 47.22 24.97 -17.38
C ASP A 504 47.08 26.34 -18.07
N PRO A 505 46.77 26.38 -19.38
CA PRO A 505 46.72 27.66 -20.13
C PRO A 505 45.80 28.73 -19.50
N ARG A 506 44.69 28.30 -18.93
CA ARG A 506 43.77 29.25 -18.35
C ARG A 506 44.38 29.84 -17.06
N ILE A 507 45.00 29.00 -16.26
CA ILE A 507 45.60 29.47 -15.01
C ILE A 507 46.78 30.39 -15.37
N ALA A 508 47.56 29.98 -16.34
CA ALA A 508 48.69 30.82 -16.81
C ALA A 508 48.21 32.19 -17.28
N ARG A 509 47.07 32.20 -17.98
CA ARG A 509 46.50 33.45 -18.45
C ARG A 509 46.04 34.37 -17.30
N LEU A 510 45.54 33.76 -16.24
CA LEU A 510 45.17 34.55 -14.99
C LEU A 510 46.41 35.17 -14.32
N TYR A 511 47.52 34.41 -14.27
CA TYR A 511 48.79 34.94 -13.78
C TYR A 511 49.19 36.18 -14.59
N ALA A 512 49.15 36.08 -15.93
CA ALA A 512 49.49 37.22 -16.81
C ALA A 512 48.58 38.43 -16.58
N TRP A 513 47.28 38.21 -16.37
CA TRP A 513 46.38 39.32 -16.08
C TRP A 513 46.80 40.01 -14.75
N LEU A 514 47.00 39.24 -13.68
CA LEU A 514 47.29 39.84 -12.39
C LEU A 514 48.64 40.60 -12.46
N ARG A 515 49.64 39.99 -13.09
CA ARG A 515 50.96 40.67 -13.25
C ARG A 515 50.82 41.99 -14.03
N HIS A 516 50.01 41.97 -15.06
CA HIS A 516 49.78 43.21 -15.84
C HIS A 516 49.05 44.23 -14.97
N LEU A 517 48.06 43.81 -14.20
CA LEU A 517 47.31 44.82 -13.43
C LEU A 517 48.21 45.42 -12.33
N ILE A 518 48.97 44.56 -11.66
CA ILE A 518 49.94 45.03 -10.64
C ILE A 518 50.89 46.04 -11.25
N ASP A 519 51.50 45.69 -12.39
CA ASP A 519 52.53 46.58 -12.98
C ASP A 519 51.97 47.90 -13.53
N GLU A 520 50.77 47.85 -14.08
CA GLU A 520 50.08 49.08 -14.54
C GLU A 520 49.52 49.90 -13.38
N GLY A 521 49.43 49.32 -12.19
CA GLY A 521 48.79 49.98 -11.03
C GLY A 521 47.30 50.11 -11.24
N LYS A 522 46.70 49.26 -12.08
CA LYS A 522 45.26 49.36 -12.36
C LYS A 522 44.46 48.88 -11.11
N PRO A 523 43.51 49.68 -10.58
CA PRO A 523 42.73 49.06 -9.49
C PRO A 523 42.11 47.72 -9.83
N PHE A 524 42.26 46.73 -8.94
CA PHE A 524 41.57 45.47 -9.10
C PHE A 524 41.20 44.79 -7.81
N MET A 525 40.25 43.88 -7.90
CA MET A 525 39.78 43.09 -6.78
CA MET A 525 39.80 43.06 -6.76
C MET A 525 39.82 41.62 -7.26
N ALA A 526 40.54 40.75 -6.55
CA ALA A 526 40.68 39.33 -6.96
C ALA A 526 39.84 38.40 -6.03
N VAL A 527 39.04 37.52 -6.62
CA VAL A 527 38.22 36.55 -5.91
C VAL A 527 38.69 35.06 -6.04
N CYG A 528 38.85 34.40 -4.86
CA CYG A 528 39.14 32.98 -4.81
C CYG A 528 40.33 32.54 -5.65
O CYG A 528 41.47 32.77 -5.21
CB CYG A 528 37.91 32.14 -5.08
SG CYG A 528 38.13 30.48 -4.40
N1 CYG A 528 39.76 25.95 -7.77
CA1 CYG A 528 40.33 26.61 -6.57
CB1 CYG A 528 39.79 27.99 -6.43
CG1 CYG A 528 38.25 28.05 -6.20
CD1 CYG A 528 37.97 29.55 -6.15
OE2 CYG A 528 37.67 30.08 -7.25
C1 CYG A 528 40.14 25.89 -5.22
O1 CYG A 528 40.79 26.34 -4.27
O2 CYG A 528 39.32 24.96 -5.18
N LEU A 529 40.12 31.87 -6.81
CA LEU A 529 41.25 31.40 -7.64
C LEU A 529 42.21 32.55 -7.92
N SER A 530 41.65 33.71 -8.25
CA SER A 530 42.49 34.83 -8.63
C SER A 530 43.21 35.37 -7.38
N HIS A 531 42.55 35.30 -6.22
CA HIS A 531 43.17 35.66 -4.92
C HIS A 531 44.37 34.75 -4.61
N GLN A 532 44.20 33.48 -4.87
CA GLN A 532 45.27 32.50 -4.67
C GLN A 532 46.47 32.77 -5.59
N ILE A 533 46.19 33.03 -6.86
CA ILE A 533 47.22 33.31 -7.84
C ILE A 533 47.94 34.57 -7.40
N LEU A 534 47.18 35.56 -6.97
CA LEU A 534 47.79 36.79 -6.52
C LEU A 534 48.73 36.51 -5.36
N ASN A 535 48.29 35.69 -4.39
CA ASN A 535 49.20 35.28 -3.30
C ASN A 535 50.49 34.69 -3.80
N ALA A 536 50.39 33.80 -4.79
CA ALA A 536 51.57 33.15 -5.32
C ALA A 536 52.46 34.21 -5.97
N ILE A 537 51.88 35.13 -6.72
CA ILE A 537 52.68 36.17 -7.40
C ILE A 537 53.41 37.03 -6.39
N LEU A 538 52.74 37.32 -5.28
CA LEU A 538 53.35 38.08 -4.19
C LEU A 538 54.28 37.26 -3.30
N GLY A 539 54.42 35.96 -3.54
CA GLY A 539 55.40 35.17 -2.78
C GLY A 539 54.83 34.48 -1.56
N ILE A 540 53.53 34.48 -1.42
CA ILE A 540 52.90 33.91 -0.20
C ILE A 540 52.60 32.44 -0.48
N PRO A 541 53.14 31.50 0.34
CA PRO A 541 52.90 30.06 0.05
C PRO A 541 51.41 29.65 -0.10
N LEU A 542 51.13 28.74 -1.06
CA LEU A 542 49.84 28.11 -1.20
C LEU A 542 49.94 26.66 -0.66
N VAL A 543 48.88 26.18 -0.06
CA VAL A 543 48.82 24.83 0.47
CA VAL A 543 48.83 24.83 0.45
C VAL A 543 47.46 24.28 0.11
N ARG A 544 47.37 22.97 0.04
CA ARG A 544 46.12 22.29 -0.14
C ARG A 544 45.54 21.97 1.26
N ARG A 545 44.30 22.38 1.53
CA ARG A 545 43.62 21.97 2.80
C ARG A 545 43.28 20.46 2.80
N GLU A 546 43.55 19.73 3.88
CA GLU A 546 43.11 18.29 3.97
C GLU A 546 41.57 18.17 3.98
N VAL A 547 40.88 19.11 4.62
CA VAL A 547 39.39 19.17 4.54
C VAL A 547 39.10 20.41 3.73
N PRO A 548 38.71 20.23 2.47
CA PRO A 548 38.42 21.38 1.64
C PRO A 548 37.31 22.29 2.21
N ASN A 549 37.46 23.58 2.06
CA ASN A 549 36.40 24.55 2.42
C ASN A 549 35.48 24.77 1.20
N GLN A 550 34.89 23.71 0.70
CA GLN A 550 34.05 23.75 -0.51
C GLN A 550 32.58 23.70 -0.08
N GLY A 551 31.98 24.89 -0.08
CA GLY A 551 30.57 25.09 0.21
C GLY A 551 30.28 25.12 1.69
N ILE A 552 30.84 26.14 2.36
CA ILE A 552 30.77 26.21 3.81
C ILE A 552 30.81 27.66 4.26
N GLN A 553 29.97 28.00 5.24
CA GLN A 553 29.91 29.34 5.82
C GLN A 553 30.82 29.35 7.00
N VAL A 554 31.73 30.30 7.02
CA VAL A 554 32.74 30.40 8.09
C VAL A 554 32.83 31.84 8.63
N GLU A 555 32.90 31.94 9.94
CA GLU A 555 33.08 33.22 10.61
C GLU A 555 34.56 33.53 10.69
N ILE A 556 34.95 34.70 10.19
CA ILE A 556 36.37 35.09 10.12
C ILE A 556 36.47 36.51 10.67
N ASP A 557 37.69 36.88 11.03
CA ASP A 557 38.00 38.27 11.35
C ASP A 557 38.58 38.84 10.05
N LEU A 558 37.87 39.80 9.46
CA LEU A 558 38.29 40.42 8.20
C LEU A 558 38.77 41.83 8.55
N PHE A 559 40.07 41.96 8.68
CA PHE A 559 40.73 43.23 8.97
C PHE A 559 40.12 43.91 10.16
N GLY A 560 39.92 43.16 11.24
CA GLY A 560 39.36 43.68 12.48
C GLY A 560 37.84 43.54 12.61
N GLN A 561 37.11 43.22 11.55
CA GLN A 561 35.64 43.01 11.65
C GLN A 561 35.28 41.54 11.53
N ARG A 562 34.48 41.00 12.47
CA ARG A 562 34.03 39.61 12.40
C ARG A 562 33.02 39.60 11.21
N GLU A 563 33.21 38.70 10.26
CA GLU A 563 32.23 38.53 9.17
C GLU A 563 31.91 37.05 9.03
N ARG A 564 30.75 36.77 8.46
CA ARG A 564 30.35 35.41 8.10
C ARG A 564 30.26 35.32 6.58
N VAL A 565 31.12 34.48 6.03
CA VAL A 565 31.30 34.43 4.58
C VAL A 565 31.31 33.01 4.03
N GLY A 566 31.01 32.89 2.76
CA GLY A 566 30.86 31.58 2.11
C GLY A 566 32.15 31.25 1.39
N PHE A 567 32.72 30.11 1.69
CA PHE A 567 33.88 29.59 0.98
C PHE A 567 33.55 28.42 0.06
N TYR A 568 34.24 28.45 -1.08
CA TYR A 568 34.26 27.37 -2.05
C TYR A 568 35.73 27.23 -2.50
N ASN A 569 36.61 26.69 -1.66
CA ASN A 569 38.02 26.52 -2.07
C ASN A 569 38.66 25.32 -1.43
N THR A 570 39.58 24.71 -2.15
CA THR A 570 40.35 23.56 -1.66
C THR A 570 41.77 23.95 -1.25
N TYR A 571 42.30 24.93 -1.98
CA TYR A 571 43.61 25.52 -1.74
C TYR A 571 43.46 26.81 -1.03
N VAL A 572 44.51 27.17 -0.31
CA VAL A 572 44.52 28.38 0.46
C VAL A 572 45.95 28.91 0.61
N ALA A 573 46.10 30.25 0.75
CA ALA A 573 47.42 30.82 1.06
C ALA A 573 47.58 30.70 2.55
N GLN A 574 48.84 30.57 2.99
CA GLN A 574 49.16 30.36 4.40
C GLN A 574 50.42 31.07 4.77
N THR A 575 50.40 31.82 5.88
CA THR A 575 51.57 32.63 6.29
C THR A 575 51.56 33.04 7.74
N VAL A 576 52.76 33.11 8.32
CA VAL A 576 52.92 33.63 9.68
C VAL A 576 52.82 35.16 9.73
N ARG A 577 52.84 35.84 8.58
CA ARG A 577 52.97 37.31 8.50
C ARG A 577 51.62 38.07 8.47
N ASP A 578 51.52 39.20 9.19
CA ASP A 578 50.39 40.14 8.98
C ASP A 578 50.61 41.16 7.87
N GLU A 579 51.86 41.34 7.49
CA GLU A 579 52.20 42.23 6.43
C GLU A 579 53.33 41.60 5.66
N MET A 580 53.35 41.83 4.36
CA MET A 580 54.42 41.37 3.51
C MET A 580 54.91 42.57 2.65
N ASP A 581 56.19 42.72 2.49
CA ASP A 581 56.70 43.73 1.57
C ASP A 581 57.19 43.05 0.32
N VAL A 582 56.70 43.50 -0.84
CA VAL A 582 56.95 42.83 -2.11
C VAL A 582 57.51 43.79 -3.11
N ASP A 583 58.63 43.41 -3.71
CA ASP A 583 59.24 44.21 -4.74
C ASP A 583 58.26 44.33 -5.90
N GLY A 584 58.22 45.52 -6.47
CA GLY A 584 57.31 45.87 -7.56
C GLY A 584 55.94 46.26 -7.05
N VAL A 585 55.70 46.10 -5.76
CA VAL A 585 54.35 46.25 -5.23
C VAL A 585 54.32 47.24 -4.11
N GLY A 586 55.08 46.93 -3.05
CA GLY A 586 55.01 47.68 -1.81
C GLY A 586 54.56 46.77 -0.67
N THR A 587 54.02 47.38 0.39
CA THR A 587 53.50 46.62 1.55
C THR A 587 52.10 46.12 1.33
N VAL A 588 51.90 44.81 1.55
CA VAL A 588 50.56 44.22 1.41
C VAL A 588 50.11 43.80 2.84
N ALA A 589 48.91 44.22 3.24
CA ALA A 589 48.32 43.80 4.51
C ALA A 589 47.50 42.55 4.26
N ILE A 590 47.65 41.62 5.21
CA ILE A 590 47.11 40.29 5.12
C ILE A 590 46.13 40.06 6.26
N SER A 591 44.89 39.71 5.91
CA SER A 591 43.92 39.20 6.87
C SER A 591 44.00 37.65 6.92
N ARG A 592 44.30 37.11 8.10
CA ARG A 592 44.57 35.69 8.23
C ARG A 592 44.04 35.18 9.55
N ASP A 593 43.75 33.88 9.62
CA ASP A 593 43.45 33.20 10.88
C ASP A 593 44.77 33.19 11.68
N PRO A 594 44.79 33.83 12.85
CA PRO A 594 46.02 33.82 13.64
C PRO A 594 46.47 32.46 14.14
N ARG A 595 45.58 31.48 14.23
CA ARG A 595 46.03 30.14 14.70
C ARG A 595 46.79 29.38 13.62
N THR A 596 46.25 29.39 12.42
CA THR A 596 46.70 28.51 11.35
C THR A 596 47.46 29.24 10.22
N GLY A 597 47.38 30.55 10.21
CA GLY A 597 48.00 31.33 9.16
C GLY A 597 47.24 31.32 7.85
N GLU A 598 46.06 30.73 7.82
CA GLU A 598 45.28 30.68 6.58
C GLU A 598 44.83 32.07 6.17
N VAL A 599 45.10 32.43 4.92
CA VAL A 599 44.87 33.80 4.44
C VAL A 599 43.44 33.93 3.93
N HIS A 600 42.71 34.93 4.41
CA HIS A 600 41.32 35.18 4.00
C HIS A 600 41.25 36.31 2.96
N ALA A 601 42.17 37.26 3.05
CA ALA A 601 42.05 38.46 2.26
C ALA A 601 43.36 39.24 2.24
N LEU A 602 43.50 40.04 1.19
CA LEU A 602 44.62 40.97 1.07
C LEU A 602 44.16 42.40 0.77
N ARG A 603 44.97 43.33 1.29
CA ARG A 603 44.83 44.74 0.92
C ARG A 603 46.17 45.30 0.52
N GLY A 604 46.28 45.61 -0.76
CA GLY A 604 47.52 46.18 -1.26
C GLY A 604 47.37 47.64 -1.70
N PRO A 605 48.43 48.21 -2.27
CA PRO A 605 48.44 49.64 -2.63
C PRO A 605 47.39 50.01 -3.67
N THR A 606 47.13 49.11 -4.60
CA THR A 606 46.16 49.36 -5.66
C THR A 606 45.20 48.18 -5.90
N PHE A 607 44.92 47.39 -4.87
CA PHE A 607 44.09 46.23 -5.07
C PHE A 607 43.62 45.66 -3.74
N SER A 608 42.59 44.81 -3.83
CA SER A 608 42.18 43.97 -2.75
C SER A 608 41.84 42.62 -3.30
N SER A 609 41.73 41.67 -2.37
CA SER A 609 41.40 40.31 -2.75
C SER A 609 40.74 39.62 -1.58
N MET A 610 39.98 38.59 -1.93
CA MET A 610 39.24 37.77 -0.97
CA MET A 610 39.24 37.76 -0.97
C MET A 610 39.33 36.29 -1.38
N GLN A 611 39.58 35.41 -0.42
CA GLN A 611 39.52 33.99 -0.63
C GLN A 611 38.07 33.47 -0.80
N PHE A 612 37.17 34.09 -0.06
CA PHE A 612 35.77 33.72 0.01
C PHE A 612 34.93 34.37 -1.11
N HIS A 613 33.66 33.97 -1.20
CA HIS A 613 32.74 34.51 -2.21
C HIS A 613 31.70 35.42 -1.56
N ALA A 614 31.97 36.73 -1.61
CA ALA A 614 31.07 37.75 -1.07
C ALA A 614 29.67 37.62 -1.67
N GLU A 615 29.61 37.17 -2.93
CA GLU A 615 28.38 37.05 -3.72
C GLU A 615 27.54 35.80 -3.43
N SER A 616 28.07 34.89 -2.62
CA SER A 616 27.39 33.63 -2.33
C SER A 616 26.17 33.83 -1.43
N VAL A 617 25.22 32.92 -1.53
CA VAL A 617 24.09 32.90 -0.59
C VAL A 617 24.57 32.65 0.82
N LEU A 618 25.79 32.15 1.00
CA LEU A 618 26.30 31.77 2.31
C LEU A 618 27.00 32.94 3.02
N THR A 619 27.18 34.05 2.31
CA THR A 619 27.77 35.27 2.86
C THR A 619 26.68 36.21 3.41
N VAL A 620 26.91 36.65 4.63
CA VAL A 620 26.10 37.65 5.28
C VAL A 620 26.69 39.02 4.87
N ASP A 621 25.82 39.90 4.33
CA ASP A 621 26.19 41.29 3.98
C ASP A 621 27.23 41.33 2.85
N GLY A 622 27.10 40.48 1.86
CA GLY A 622 28.04 40.40 0.72
C GLY A 622 28.18 41.73 -0.02
N PRO A 623 27.06 42.41 -0.34
CA PRO A 623 27.22 43.65 -1.12
C PRO A 623 28.07 44.72 -0.37
N ARG A 624 27.88 44.84 0.92
CA ARG A 624 28.70 45.73 1.73
CA ARG A 624 28.71 45.73 1.75
C ARG A 624 30.18 45.33 1.69
N ILE A 625 30.46 44.05 1.88
CA ILE A 625 31.88 43.55 1.84
C ILE A 625 32.50 43.85 0.46
N LEU A 626 31.73 43.60 -0.61
CA LEU A 626 32.25 43.83 -1.97
C LEU A 626 32.57 45.32 -2.07
N GLY A 627 31.65 46.14 -1.57
CA GLY A 627 31.77 47.59 -1.69
C GLY A 627 33.04 48.05 -0.96
N GLU A 628 33.28 47.52 0.23
CA GLU A 628 34.55 47.84 0.96
C GLU A 628 35.75 47.44 0.13
N ALA A 629 35.74 46.25 -0.47
CA ALA A 629 36.90 45.77 -1.22
C ALA A 629 37.18 46.66 -2.46
N ILE A 630 36.14 47.09 -3.15
CA ILE A 630 36.29 47.93 -4.34
C ILE A 630 36.73 49.36 -3.93
N THR A 631 36.14 49.89 -2.87
CA THR A 631 36.55 51.18 -2.27
C THR A 631 38.05 51.17 -1.96
N HIS A 632 38.54 50.13 -1.29
CA HIS A 632 39.99 50.03 -1.05
C HIS A 632 40.80 49.97 -2.34
N ALA A 633 40.40 49.15 -3.29
CA ALA A 633 41.16 48.97 -4.52
C ALA A 633 41.44 50.25 -5.30
N ILE A 634 40.43 51.13 -5.36
CA ILE A 634 40.53 52.37 -6.14
C ILE A 634 41.09 53.53 -5.32
N ARG A 635 41.62 53.25 -4.13
CA ARG A 635 42.14 54.28 -3.19
C ARG A 635 43.20 55.22 -3.75
N ARG A 636 44.16 54.71 -4.53
CA ARG A 636 45.18 55.58 -5.12
C ARG A 636 44.60 56.41 -6.29
N GLU A 637 43.47 56.04 -6.88
CA GLU A 637 43.00 56.76 -8.07
C GLU A 637 42.63 58.18 -7.76
N LYS A 638 41.83 58.37 -6.72
CA LYS A 638 41.70 59.70 -6.16
C LYS A 638 41.93 59.58 -4.67
N ARG B 9 -12.67 11.00 -25.41
CA ARG B 9 -11.23 10.67 -25.20
C ARG B 9 -10.72 9.84 -26.38
N ASN B 10 -10.94 10.30 -27.63
CA ASN B 10 -10.54 9.51 -28.80
C ASN B 10 -9.00 9.49 -28.97
N LEU B 11 -8.31 10.59 -28.69
CA LEU B 11 -6.83 10.57 -28.80
C LEU B 11 -6.20 9.55 -27.87
N PHE B 12 -6.63 9.57 -26.61
CA PHE B 12 -6.16 8.62 -25.62
C PHE B 12 -6.37 7.16 -26.11
N ASP B 13 -7.57 6.86 -26.61
CA ASP B 13 -7.95 5.54 -27.12
C ASP B 13 -7.01 5.08 -28.26
N ARG B 14 -6.73 6.00 -29.18
CA ARG B 14 -5.76 5.76 -30.26
C ARG B 14 -4.32 5.53 -29.74
N VAL B 15 -3.87 6.29 -28.75
CA VAL B 15 -2.56 5.99 -28.16
C VAL B 15 -2.59 4.53 -27.60
N LEU B 16 -3.67 4.20 -26.95
CA LEU B 16 -3.85 2.88 -26.35
C LEU B 16 -3.83 1.75 -27.35
N HIS B 17 -4.45 1.94 -28.51
CA HIS B 17 -4.59 0.84 -29.49
C HIS B 17 -3.56 0.89 -30.60
N GLY B 18 -2.50 1.67 -30.41
CA GLY B 18 -1.35 1.61 -31.33
C GLY B 18 -1.50 2.52 -32.51
N GLN B 19 -2.59 3.26 -32.57
CA GLN B 19 -2.85 4.10 -33.73
C GLN B 19 -2.10 5.46 -33.70
N ALA B 20 -1.43 5.80 -32.58
CA ALA B 20 -0.58 6.99 -32.56
C ALA B 20 0.89 6.54 -32.34
N PRO B 21 1.66 6.40 -33.43
CA PRO B 21 2.97 5.78 -33.22
C PRO B 21 3.94 6.60 -32.33
N CYS B 22 3.79 7.92 -32.32
CA CYS B 22 4.62 8.78 -31.47
CA CYS B 22 4.62 8.76 -31.47
C CYS B 22 3.71 9.61 -30.57
N PHE B 23 3.92 9.50 -29.27
CA PHE B 23 2.98 10.07 -28.27
C PHE B 23 3.63 10.33 -26.96
N ALA B 24 2.95 11.15 -26.16
CA ALA B 24 3.31 11.42 -24.79
C ALA B 24 2.06 11.51 -23.97
N LEU B 25 2.13 10.87 -22.81
CA LEU B 25 1.21 11.08 -21.71
C LEU B 25 2.03 11.72 -20.59
N ILE B 26 1.60 12.89 -20.15
CA ILE B 26 2.24 13.66 -19.13
C ILE B 26 1.22 14.13 -18.06
N ALA B 27 1.39 13.64 -16.83
CA ALA B 27 0.59 14.07 -15.71
C ALA B 27 1.41 15.12 -15.01
N ARG B 28 0.93 16.36 -15.10
CA ARG B 28 1.64 17.51 -14.62
C ARG B 28 1.18 18.00 -13.31
N SER B 29 1.93 18.98 -12.84
CA SER B 29 1.72 19.64 -11.56
C SER B 29 1.08 21.01 -11.83
N THR B 30 -0.19 21.02 -12.23
CA THR B 30 -0.91 22.27 -12.48
C THR B 30 -2.26 22.32 -11.70
N GLY B 31 -2.97 21.19 -11.58
CA GLY B 31 -4.24 21.09 -10.82
C GLY B 31 -4.31 21.78 -9.45
N SER B 32 -5.53 22.00 -8.98
CA SER B 32 -5.83 22.76 -7.75
C SER B 32 -6.51 21.88 -6.68
N ALA B 33 -7.08 22.52 -5.66
CA ALA B 33 -7.54 21.84 -4.42
C ALA B 33 -8.28 20.52 -4.63
N GLY B 34 -9.60 20.63 -4.81
CA GLY B 34 -10.47 19.47 -4.94
C GLY B 34 -10.83 19.15 -6.39
N GLU B 35 -9.86 19.36 -7.29
CA GLU B 35 -9.93 18.92 -8.69
C GLU B 35 -9.43 17.47 -8.92
N ARG B 36 -10.12 16.71 -9.78
CA ARG B 36 -9.55 15.45 -10.24
C ARG B 36 -8.25 15.69 -11.03
N ALA B 37 -7.25 14.85 -10.79
CA ALA B 37 -6.04 14.93 -11.55
C ALA B 37 -6.31 14.67 -13.04
N MET B 38 -5.66 15.43 -13.92
CA MET B 38 -5.77 15.25 -15.40
C MET B 38 -4.41 14.84 -16.04
N ILE B 39 -4.46 14.08 -17.13
CA ILE B 39 -3.29 13.70 -17.91
C ILE B 39 -3.40 14.41 -19.27
N ASP B 40 -2.35 15.14 -19.62
CA ASP B 40 -2.18 15.66 -20.97
C ASP B 40 -1.73 14.57 -21.91
N VAL B 41 -2.43 14.50 -23.02
CA VAL B 41 -2.11 13.55 -24.07
C VAL B 41 -1.75 14.28 -25.35
N PHE B 42 -0.56 13.94 -25.88
CA PHE B 42 0.04 14.56 -27.07
C PHE B 42 0.35 13.53 -28.09
N ALA B 43 0.15 13.88 -29.36
CA ALA B 43 0.62 13.05 -30.47
C ALA B 43 1.03 13.91 -31.63
N GLY B 44 2.10 13.52 -32.32
CA GLY B 44 2.38 14.07 -33.61
C GLY B 44 3.64 13.52 -34.23
N ALA B 45 4.19 14.27 -35.19
CA ALA B 45 5.33 13.83 -35.99
C ALA B 45 6.65 14.02 -35.21
N VAL B 46 7.54 13.05 -35.33
CA VAL B 46 8.87 13.10 -34.77
C VAL B 46 9.84 13.63 -35.81
N SER B 47 10.75 14.51 -35.40
CA SER B 47 11.91 14.88 -36.24
C SER B 47 13.14 14.94 -35.34
N TYR B 48 14.29 15.03 -35.96
CA TYR B 48 15.57 14.99 -35.28
C TYR B 48 16.39 16.19 -35.72
N PRO B 49 16.14 17.37 -35.11
CA PRO B 49 16.76 18.58 -35.59
C PRO B 49 18.22 18.60 -35.28
N SER B 50 19.00 19.30 -36.10
CA SER B 50 20.46 19.12 -35.99
C SER B 50 21.02 20.08 -34.93
N SER B 51 20.19 20.98 -34.41
CA SER B 51 20.58 21.78 -33.23
C SER B 51 19.39 22.40 -32.55
N LEU B 52 19.64 22.95 -31.37
CA LEU B 52 18.58 23.65 -30.67
C LEU B 52 18.10 24.86 -31.48
N ALA B 53 19.03 25.48 -32.20
CA ALA B 53 18.75 26.64 -33.05
C ALA B 53 17.73 26.28 -34.13
N GLU B 54 17.68 25.01 -34.51
CA GLU B 54 16.78 24.59 -35.56
C GLU B 54 15.53 23.87 -35.09
N LEU B 55 15.16 24.02 -33.83
CA LEU B 55 13.86 23.48 -33.38
C LEU B 55 12.76 24.01 -34.35
N PRO B 56 11.92 23.13 -34.90
CA PRO B 56 10.90 23.61 -35.82
C PRO B 56 9.78 24.33 -35.06
N LEU B 57 10.02 25.60 -34.83
CA LEU B 57 9.08 26.49 -34.15
C LEU B 57 8.62 27.57 -35.13
N ALA B 58 7.32 27.75 -35.25
CA ALA B 58 6.73 28.75 -36.17
C ALA B 58 6.89 30.13 -35.54
N ALA B 59 6.64 31.18 -36.29
CA ALA B 59 6.52 32.51 -35.72
C ALA B 59 5.33 32.58 -34.75
N PRO B 60 5.29 33.63 -33.92
CA PRO B 60 4.26 33.74 -32.92
C PRO B 60 2.82 33.63 -33.44
N THR B 61 1.95 32.96 -32.73
CA THR B 61 0.55 32.77 -33.15
C THR B 61 -0.24 32.85 -31.85
N ALA B 62 -1.46 33.32 -31.95
CA ALA B 62 -2.36 33.39 -30.80
C ALA B 62 -3.71 32.85 -31.22
N THR B 63 -4.27 31.99 -30.38
CA THR B 63 -5.58 31.40 -30.57
C THR B 63 -6.64 31.83 -29.54
N GLY B 64 -6.25 32.46 -28.43
CA GLY B 64 -7.17 32.69 -27.31
C GLY B 64 -7.15 31.58 -26.26
N ALA B 65 -6.39 30.51 -26.51
CA ALA B 65 -6.20 29.44 -25.54
C ALA B 65 -4.71 29.03 -25.50
N ASP B 66 -4.21 28.61 -24.32
CA ASP B 66 -2.91 28.01 -24.22
C ASP B 66 -2.82 26.84 -25.18
N ARG B 67 -1.66 26.69 -25.82
CA ARG B 67 -1.50 25.69 -26.88
C ARG B 67 -0.05 25.25 -26.87
N GLN B 68 0.20 23.96 -26.89
CA GLN B 68 1.56 23.44 -26.96
C GLN B 68 2.02 23.25 -28.39
N GLU B 69 3.28 23.51 -28.69
CA GLU B 69 3.74 23.35 -30.06
C GLU B 69 4.63 22.14 -30.24
N LEU B 70 5.58 21.95 -29.33
CA LEU B 70 6.55 20.89 -29.47
C LEU B 70 6.89 20.29 -28.16
N LEU B 71 7.16 18.99 -28.16
CA LEU B 71 7.78 18.30 -26.98
C LEU B 71 9.18 17.92 -27.46
N VAL B 72 10.19 18.41 -26.76
CA VAL B 72 11.57 18.24 -27.16
C VAL B 72 12.30 17.43 -26.09
N MET B 73 13.07 16.43 -26.52
CA MET B 73 13.92 15.65 -25.60
C MET B 73 15.37 16.00 -25.95
N VAL B 74 16.08 16.55 -24.97
CA VAL B 74 17.46 16.98 -25.13
C VAL B 74 18.43 16.02 -24.43
N PRO B 75 19.29 15.37 -25.19
CA PRO B 75 20.20 14.42 -24.55
C PRO B 75 21.41 15.07 -23.92
N TYR B 76 22.12 14.32 -23.09
CA TYR B 76 23.30 14.86 -22.43
C TYR B 76 24.31 15.34 -23.48
N ARG B 77 24.47 14.59 -24.55
CA ARG B 77 25.56 14.93 -25.55
C ARG B 77 25.29 16.26 -26.24
N GLN B 78 24.07 16.79 -26.09
CA GLN B 78 23.77 18.13 -26.64
C GLN B 78 24.66 19.24 -26.11
N LEU B 79 25.34 18.98 -24.99
CA LEU B 79 26.36 19.90 -24.45
C LEU B 79 27.46 20.27 -25.40
N HIS B 80 27.64 19.53 -26.49
CA HIS B 80 28.56 20.00 -27.47
C HIS B 80 28.20 21.39 -27.95
N GLU B 81 26.94 21.78 -27.88
CA GLU B 81 26.56 23.14 -28.30
C GLU B 81 27.13 24.25 -27.43
N ARG B 82 27.46 23.92 -26.19
CA ARG B 82 28.13 24.85 -25.30
C ARG B 82 29.65 24.73 -25.40
N GLY B 83 30.14 23.85 -26.25
CA GLY B 83 31.58 23.63 -26.31
C GLY B 83 32.11 22.74 -25.19
N PHE B 84 31.26 21.96 -24.52
CA PHE B 84 31.72 21.11 -23.44
C PHE B 84 31.82 19.66 -23.98
N LYS B 85 32.63 18.82 -23.35
CA LYS B 85 32.89 17.50 -23.86
C LYS B 85 32.12 16.48 -23.08
N THR B 86 31.85 15.39 -23.77
CA THR B 86 30.83 14.43 -23.42
C THR B 86 31.16 13.11 -24.13
N HIS B 87 30.87 11.97 -23.53
CA HIS B 87 30.99 10.72 -24.25
C HIS B 87 29.82 10.70 -25.20
N ASP B 88 30.09 10.63 -26.50
CA ASP B 88 29.04 10.74 -27.52
C ASP B 88 28.45 9.38 -27.81
N ASP B 89 27.22 9.14 -27.37
CA ASP B 89 26.59 7.88 -27.54
C ASP B 89 25.55 7.91 -28.68
N GLY B 90 25.55 8.97 -29.45
CA GLY B 90 24.61 9.16 -30.53
C GLY B 90 23.17 9.43 -30.15
N ALA B 91 22.84 9.63 -28.88
CA ALA B 91 21.45 10.01 -28.48
C ALA B 91 21.00 11.26 -29.22
N PRO B 92 19.91 11.18 -30.01
CA PRO B 92 19.52 12.37 -30.79
C PRO B 92 18.70 13.42 -30.05
N LEU B 93 18.82 14.67 -30.52
CA LEU B 93 17.90 15.75 -30.20
C LEU B 93 16.60 15.35 -30.90
N VAL B 94 15.53 15.18 -30.13
CA VAL B 94 14.23 14.73 -30.64
CA VAL B 94 14.24 14.75 -30.69
C VAL B 94 13.18 15.80 -30.46
N ALA B 95 12.38 16.05 -31.48
CA ALA B 95 11.24 16.95 -31.37
C ALA B 95 9.97 16.25 -31.84
N ILE B 96 8.92 16.31 -31.02
CA ILE B 96 7.58 15.82 -31.38
C ILE B 96 6.68 17.01 -31.58
N THR B 97 6.16 17.22 -32.79
CA THR B 97 5.20 18.33 -32.94
C THR B 97 3.88 17.91 -32.26
N CYS B 98 3.29 18.78 -31.50
CA CYS B 98 2.01 18.45 -30.84
C CYS B 98 0.83 18.73 -31.82
N ASP B 99 0.69 17.90 -32.84
CA ASP B 99 -0.41 18.02 -33.84
C ASP B 99 -1.77 17.83 -33.14
N GLU B 100 -1.80 16.99 -32.12
CA GLU B 100 -2.98 16.70 -31.33
C GLU B 100 -2.65 16.76 -29.87
N HIS B 101 -3.60 17.28 -29.12
CA HIS B 101 -3.47 17.49 -27.69
C HIS B 101 -4.82 17.43 -27.05
N GLU B 102 -5.02 16.47 -26.16
CA GLU B 102 -6.29 16.33 -25.44
C GLU B 102 -5.90 16.15 -23.95
N THR B 103 -6.83 16.37 -23.03
CA THR B 103 -6.62 15.98 -21.66
C THR B 103 -7.67 14.91 -21.29
N VAL B 104 -7.31 14.04 -20.34
CA VAL B 104 -8.18 12.94 -19.90
C VAL B 104 -8.09 12.86 -18.40
N SER B 105 -9.19 12.51 -17.75
CA SER B 105 -9.15 12.34 -16.33
C SER B 105 -8.22 11.17 -15.95
N ALA B 106 -7.40 11.38 -14.90
CA ALA B 106 -6.40 10.39 -14.48
C ALA B 106 -7.04 9.04 -14.18
N GLN B 107 -8.11 9.02 -13.38
CA GLN B 107 -8.73 7.79 -12.95
C GLN B 107 -9.31 6.96 -14.08
N LEU B 108 -10.06 7.62 -14.98
CA LEU B 108 -10.62 6.96 -16.15
C LEU B 108 -9.54 6.44 -17.05
N ALA B 109 -8.50 7.25 -17.29
CA ALA B 109 -7.38 6.85 -18.16
C ALA B 109 -6.64 5.66 -17.59
N LEU B 110 -6.32 5.70 -16.31
CA LEU B 110 -5.62 4.58 -15.69
C LEU B 110 -6.49 3.31 -15.75
N ALA B 111 -7.80 3.45 -15.61
CA ALA B 111 -8.67 2.28 -15.61
C ALA B 111 -8.61 1.59 -16.97
N ALA B 112 -8.40 2.36 -18.04
CA ALA B 112 -8.40 1.86 -19.40
C ALA B 112 -7.08 1.24 -19.82
N ILE B 113 -6.01 1.51 -19.09
CA ILE B 113 -4.70 0.91 -19.40
C ILE B 113 -4.66 -0.52 -18.91
N PRO B 114 -4.43 -1.46 -19.82
CA PRO B 114 -4.38 -2.80 -19.35
C PRO B 114 -3.06 -3.08 -18.64
N ASP B 115 -3.09 -3.96 -17.66
CA ASP B 115 -1.90 -4.35 -16.96
C ASP B 115 -1.08 -5.23 -17.91
N ALA B 116 0.21 -5.37 -17.65
CA ALA B 116 1.10 -6.21 -18.46
C ALA B 116 2.25 -6.56 -17.56
N ASP B 117 2.84 -7.71 -17.78
CA ASP B 117 3.99 -8.12 -16.97
C ASP B 117 5.17 -7.26 -17.43
N THR B 118 5.80 -6.56 -16.49
CA THR B 118 6.93 -5.71 -16.80
C THR B 118 8.08 -6.01 -15.87
N ALA B 119 8.12 -7.23 -15.34
CA ALA B 119 9.24 -7.69 -14.52
C ALA B 119 10.56 -7.52 -15.31
N LEU B 120 11.57 -6.95 -14.64
CA LEU B 120 12.85 -6.70 -15.27
C LEU B 120 13.67 -7.97 -15.17
N GLY B 121 14.02 -8.53 -16.31
CA GLY B 121 14.90 -9.71 -16.40
C GLY B 121 16.33 -9.26 -16.29
N GLU B 122 17.14 -10.06 -15.60
CA GLU B 122 18.55 -9.81 -15.48
C GLU B 122 18.82 -8.41 -14.95
N ARG B 123 18.20 -8.14 -13.82
CA ARG B 123 18.16 -6.81 -13.28
C ARG B 123 19.44 -6.61 -12.50
N HIS B 124 20.17 -5.54 -12.83
CA HIS B 124 21.45 -5.30 -12.15
C HIS B 124 21.95 -3.86 -12.41
N PHE B 125 22.77 -3.34 -11.52
CA PHE B 125 23.40 -2.03 -11.81
C PHE B 125 24.66 -2.28 -12.59
N ASP B 126 24.95 -1.44 -13.58
CA ASP B 126 26.18 -1.65 -14.33
C ASP B 126 27.39 -1.43 -13.45
N ILE B 127 27.32 -0.45 -12.54
CA ILE B 127 28.36 -0.26 -11.57
C ILE B 127 27.77 -0.72 -10.23
N ASP B 128 28.29 -1.79 -9.68
CA ASP B 128 27.71 -2.36 -8.48
C ASP B 128 28.07 -1.52 -7.25
N ASP B 129 27.49 -1.85 -6.12
CA ASP B 129 27.53 -0.96 -4.95
C ASP B 129 29.02 -0.71 -4.50
N GLU B 130 29.82 -1.76 -4.49
CA GLU B 130 31.22 -1.66 -4.09
C GLU B 130 32.03 -0.78 -5.07
N ALA B 131 31.84 -1.00 -6.36
CA ALA B 131 32.51 -0.20 -7.40
C ALA B 131 32.07 1.22 -7.37
N TYR B 132 30.79 1.42 -7.08
CA TYR B 132 30.26 2.79 -7.05
C TYR B 132 30.81 3.56 -5.84
N ALA B 133 30.84 2.91 -4.68
CA ALA B 133 31.47 3.46 -3.50
C ALA B 133 32.90 3.92 -3.81
N GLU B 134 33.67 3.10 -4.52
CA GLU B 134 35.04 3.50 -4.84
C GLU B 134 35.08 4.73 -5.74
N ILE B 135 34.14 4.85 -6.68
CA ILE B 135 34.12 6.03 -7.54
C ILE B 135 33.82 7.26 -6.71
N VAL B 136 32.85 7.15 -5.82
CA VAL B 136 32.47 8.25 -4.99
C VAL B 136 33.68 8.76 -4.22
N GLU B 137 34.43 7.87 -3.61
CA GLU B 137 35.61 8.28 -2.85
C GLU B 137 36.64 8.94 -3.73
N ARG B 138 36.83 8.45 -4.95
CA ARG B 138 37.76 9.08 -5.89
C ARG B 138 37.33 10.52 -6.24
N VAL B 139 36.05 10.73 -6.45
CA VAL B 139 35.56 12.04 -6.78
C VAL B 139 35.77 12.99 -5.63
N ILE B 140 35.51 12.54 -4.41
CA ILE B 140 35.71 13.40 -3.22
C ILE B 140 37.19 13.73 -2.98
N THR B 141 38.05 12.71 -3.05
CA THR B 141 39.50 12.88 -2.82
C THR B 141 40.22 13.57 -3.96
N ASP B 142 39.95 13.13 -5.18
CA ASP B 142 40.75 13.53 -6.36
C ASP B 142 40.13 14.65 -7.19
N GLU B 143 38.84 14.92 -7.05
CA GLU B 143 38.21 16.05 -7.72
C GLU B 143 37.91 17.20 -6.77
N ILE B 144 37.00 17.00 -5.82
CA ILE B 144 36.77 18.01 -4.80
C ILE B 144 38.07 18.36 -4.11
N GLY B 145 38.85 17.34 -3.77
CA GLY B 145 40.10 17.54 -3.02
C GLY B 145 41.27 18.12 -3.82
N THR B 146 41.06 18.39 -5.10
CA THR B 146 42.07 19.07 -5.91
C THR B 146 41.53 20.27 -6.61
N GLY B 147 40.39 20.76 -6.15
CA GLY B 147 39.94 22.03 -6.66
C GLY B 147 39.14 22.02 -7.95
N ALA B 148 38.67 20.85 -8.42
CA ALA B 148 37.81 20.82 -9.61
C ALA B 148 36.48 21.56 -9.36
N GLY B 149 36.07 21.64 -8.09
CA GLY B 149 34.78 22.20 -7.75
C GLY B 149 34.24 21.65 -6.45
N SER B 150 33.00 22.02 -6.10
CA SER B 150 32.46 21.74 -4.79
CA SER B 150 32.46 21.73 -4.78
C SER B 150 31.53 20.54 -4.71
N ASN B 151 30.90 20.22 -5.83
CA ASN B 151 29.97 19.11 -5.84
C ASN B 151 29.83 18.56 -7.24
N PHE B 152 29.65 17.23 -7.32
CA PHE B 152 29.43 16.56 -8.62
C PHE B 152 28.48 15.38 -8.45
N VAL B 153 27.83 15.02 -9.55
CA VAL B 153 26.96 13.87 -9.68
C VAL B 153 27.54 12.89 -10.67
N ILE B 154 27.71 11.66 -10.23
CA ILE B 154 28.17 10.55 -11.04
C ILE B 154 27.07 9.51 -11.20
N LYS B 155 26.71 9.24 -12.46
CA LYS B 155 25.60 8.37 -12.87
C LYS B 155 26.07 6.92 -12.80
N ARG B 156 25.24 6.07 -12.26
CA ARG B 156 25.26 4.66 -12.54
C ARG B 156 23.89 4.30 -13.06
N THR B 157 23.81 3.14 -13.65
CA THR B 157 22.58 2.72 -14.34
C THR B 157 22.07 1.36 -13.85
N LEU B 158 20.82 1.38 -13.40
CA LEU B 158 20.07 0.16 -13.19
C LEU B 158 19.55 -0.36 -14.54
N GLU B 159 19.89 -1.60 -14.82
CA GLU B 159 19.56 -2.21 -16.09
C GLU B 159 18.70 -3.46 -15.94
N GLY B 160 17.92 -3.72 -16.98
CA GLY B 160 17.15 -4.97 -17.07
C GLY B 160 16.54 -5.16 -18.43
N ASP B 161 15.96 -6.33 -18.64
CA ASP B 161 15.31 -6.66 -19.93
C ASP B 161 13.84 -6.92 -19.79
N LEU B 162 13.04 -6.30 -20.64
CA LEU B 162 11.63 -6.59 -20.69
C LEU B 162 11.38 -7.66 -21.74
N ASP B 163 10.74 -8.72 -21.31
CA ASP B 163 10.33 -9.74 -22.24
C ASP B 163 9.25 -9.15 -23.18
N ASP B 164 9.44 -9.33 -24.48
CA ASP B 164 8.38 -9.07 -25.47
C ASP B 164 7.88 -7.62 -25.52
N TYR B 165 8.83 -6.71 -25.64
CA TYR B 165 8.53 -5.33 -25.39
C TYR B 165 7.62 -4.72 -26.44
N SER B 166 6.64 -3.98 -25.97
CA SER B 166 5.87 -3.07 -26.82
C SER B 166 5.43 -1.93 -25.90
N PRO B 167 5.00 -0.80 -26.49
CA PRO B 167 4.71 0.32 -25.63
C PRO B 167 3.56 0.05 -24.63
N ALA B 168 2.74 -0.96 -24.88
CA ALA B 168 1.74 -1.41 -23.87
C ALA B 168 2.42 -1.60 -22.49
N LYS B 169 3.62 -2.16 -22.51
CA LYS B 169 4.35 -2.40 -21.30
C LYS B 169 4.75 -1.13 -20.57
N ALA B 170 5.17 -0.13 -21.34
CA ALA B 170 5.56 1.16 -20.84
C ALA B 170 4.32 1.84 -20.27
N LEU B 171 3.18 1.68 -20.91
CA LEU B 171 1.94 2.25 -20.37
C LEU B 171 1.59 1.61 -19.02
N ALA B 172 1.83 0.30 -18.90
CA ALA B 172 1.58 -0.43 -17.64
C ALA B 172 2.49 0.08 -16.52
N VAL B 173 3.76 0.37 -16.82
CA VAL B 173 4.68 0.96 -15.84
C VAL B 173 4.23 2.35 -15.40
N PHE B 174 3.84 3.16 -16.37
CA PHE B 174 3.31 4.50 -16.15
C PHE B 174 2.09 4.46 -15.24
N LYS B 175 1.19 3.52 -15.51
CA LYS B 175 -0.01 3.32 -14.66
C LYS B 175 0.37 3.11 -13.19
N ARG B 176 1.31 2.18 -12.96
CA ARG B 176 1.74 1.89 -11.56
C ARG B 176 2.38 3.09 -10.87
N LEU B 177 3.19 3.80 -11.63
CA LEU B 177 3.81 5.02 -11.15
C LEU B 177 2.79 6.05 -10.78
N MET B 178 1.80 6.23 -11.64
CA MET B 178 0.74 7.14 -11.29
C MET B 178 -0.03 6.71 -10.02
N ARG B 179 -0.21 5.43 -9.81
CA ARG B 179 -0.94 4.96 -8.64
C ARG B 179 -0.13 5.00 -7.36
N ARG B 180 1.20 5.05 -7.44
CA ARG B 180 2.05 4.84 -6.24
C ARG B 180 2.93 6.05 -5.91
N GLU B 181 3.35 6.82 -6.90
CA GLU B 181 4.34 7.85 -6.64
C GLU B 181 3.63 9.16 -6.40
N VAL B 182 4.18 9.99 -5.52
CA VAL B 182 3.65 11.29 -5.18
C VAL B 182 4.82 12.30 -5.18
N GLY B 183 4.49 13.60 -5.22
CA GLY B 183 5.47 14.63 -5.08
C GLY B 183 6.32 14.84 -6.33
N ALA B 184 5.89 14.32 -7.46
CA ALA B 184 6.57 14.45 -8.70
C ALA B 184 6.12 15.72 -9.36
N TYR B 185 7.03 16.30 -10.11
CA TYR B 185 6.72 17.46 -10.92
C TYR B 185 5.99 16.95 -12.22
N TRP B 186 6.56 15.93 -12.86
CA TRP B 186 5.85 15.20 -13.94
C TRP B 186 5.97 13.70 -13.77
N ILE B 187 4.88 13.00 -14.09
CA ILE B 187 4.90 11.56 -14.28
C ILE B 187 4.50 11.38 -15.75
N PHE B 188 5.24 10.58 -16.50
CA PHE B 188 5.15 10.54 -17.95
C PHE B 188 5.57 9.28 -18.59
N VAL B 189 5.02 9.06 -19.76
CA VAL B 189 5.52 8.08 -20.74
C VAL B 189 5.56 8.80 -22.10
N ILE B 190 6.73 8.83 -22.71
CA ILE B 190 6.98 9.54 -23.98
C ILE B 190 7.59 8.47 -24.93
N HIS B 191 6.91 8.21 -26.03
CA HIS B 191 7.38 7.22 -26.97
C HIS B 191 7.67 7.96 -28.27
N THR B 192 8.94 7.93 -28.68
CA THR B 192 9.41 8.67 -29.89
C THR B 192 9.67 7.79 -31.09
N GLY B 193 9.37 6.48 -31.03
CA GLY B 193 9.74 5.51 -32.09
C GLY B 193 11.12 4.83 -31.92
N GLU B 194 12.15 5.66 -31.81
CA GLU B 194 13.53 5.28 -31.47
C GLU B 194 13.60 4.73 -30.04
N ARG B 195 12.80 5.31 -29.14
CA ARG B 195 13.02 5.10 -27.74
C ARG B 195 11.75 5.37 -26.92
N THR B 196 11.64 4.78 -25.73
CA THR B 196 10.54 5.07 -24.84
C THR B 196 11.10 5.52 -23.54
N PHE B 197 10.44 6.48 -22.93
CA PHE B 197 10.84 7.07 -21.70
C PHE B 197 9.66 6.98 -20.73
N VAL B 198 9.91 6.54 -19.51
CA VAL B 198 8.82 6.46 -18.50
C VAL B 198 9.46 6.90 -17.20
N GLY B 199 8.88 7.87 -16.54
CA GLY B 199 9.48 8.35 -15.30
C GLY B 199 8.58 9.20 -14.42
N ALA B 200 9.12 9.55 -13.27
CA ALA B 200 8.41 10.31 -12.25
C ALA B 200 9.42 11.24 -11.65
N THR B 201 9.69 12.35 -12.33
CA THR B 201 10.77 13.24 -11.91
C THR B 201 10.31 14.30 -10.94
N PRO B 202 11.09 14.56 -9.85
CA PRO B 202 10.68 15.61 -8.89
C PRO B 202 10.98 17.07 -9.31
N GLU B 203 11.72 17.27 -10.37
CA GLU B 203 12.38 18.54 -10.60
C GLU B 203 12.09 19.15 -11.97
N ARG B 204 11.45 20.31 -12.00
CA ARG B 204 11.38 21.06 -13.24
C ARG B 204 12.80 21.45 -13.62
N HIS B 205 13.06 21.54 -14.91
CA HIS B 205 14.29 22.12 -15.37
C HIS B 205 14.15 23.64 -15.41
N LEU B 206 13.24 24.10 -16.27
CA LEU B 206 12.97 25.54 -16.39
C LEU B 206 11.58 25.77 -16.85
N THR B 207 10.83 26.64 -16.18
CA THR B 207 9.51 27.09 -16.70
C THR B 207 9.56 28.55 -17.08
N LEU B 208 8.71 28.92 -18.04
CA LEU B 208 8.57 30.28 -18.50
C LEU B 208 7.12 30.56 -18.79
N HIS B 209 6.55 31.54 -18.10
N HIS B 209 6.59 31.59 -18.15
CA HIS B 209 5.16 32.00 -18.35
CA HIS B 209 5.18 31.99 -18.36
C HIS B 209 5.12 33.50 -18.19
C HIS B 209 5.08 33.51 -18.18
N GLU B 210 4.69 34.20 -19.25
CA GLU B 210 4.60 35.64 -19.25
C GLU B 210 5.93 36.29 -18.75
N GLY B 211 7.06 35.85 -19.31
CA GLY B 211 8.36 36.37 -18.99
C GLY B 211 8.94 35.91 -17.64
N CYS B 212 8.14 35.20 -16.82
CA CYS B 212 8.58 34.71 -15.52
CA CYS B 212 8.58 34.71 -15.52
C CYS B 212 9.24 33.33 -15.66
N ALA B 213 10.56 33.26 -15.39
CA ALA B 213 11.32 32.03 -15.40
C ALA B 213 11.42 31.48 -13.97
N THR B 214 11.22 30.17 -13.83
CA THR B 214 11.38 29.52 -12.54
C THR B 214 12.31 28.32 -12.68
N MET B 215 13.21 28.21 -11.73
CA MET B 215 13.98 26.96 -11.49
C MET B 215 13.72 26.47 -10.08
N ASN B 216 14.09 25.21 -9.83
CA ASN B 216 13.79 24.46 -8.59
C ASN B 216 15.00 23.61 -8.20
N PRO B 217 16.03 24.19 -7.57
CA PRO B 217 17.21 23.41 -7.10
C PRO B 217 16.82 22.52 -5.93
N ILE B 218 16.96 21.23 -6.14
CA ILE B 218 16.61 20.22 -5.20
C ILE B 218 17.93 19.47 -4.86
N SER B 219 18.24 19.37 -3.59
CA SER B 219 19.22 18.41 -3.14
C SER B 219 19.06 18.19 -1.64
N GLY B 220 19.52 17.04 -1.17
CA GLY B 220 19.30 16.51 0.18
C GLY B 220 18.15 15.53 0.16
N THR B 221 18.40 14.32 0.57
CA THR B 221 17.44 13.24 0.47
C THR B 221 17.32 12.52 1.78
N TYR B 222 16.10 12.39 2.29
CA TYR B 222 15.75 11.52 3.44
C TYR B 222 15.18 10.25 2.87
N ARG B 223 15.86 9.13 3.10
CA ARG B 223 15.43 7.82 2.60
C ARG B 223 14.42 7.26 3.57
N TYR B 224 13.21 6.90 3.14
CA TYR B 224 12.26 6.34 4.10
C TYR B 224 12.67 4.97 4.51
N PRO B 225 12.52 4.62 5.80
CA PRO B 225 12.59 3.23 6.16
C PRO B 225 11.51 2.47 5.41
N GLN B 226 11.70 1.18 5.31
CA GLN B 226 10.74 0.32 4.66
C GLN B 226 9.41 0.48 5.37
N SER B 227 9.45 0.58 6.67
CA SER B 227 8.20 0.78 7.44
C SER B 227 7.56 2.17 7.32
N GLY B 228 8.23 3.09 6.65
CA GLY B 228 7.65 4.42 6.42
C GLY B 228 8.42 5.58 7.05
N PRO B 229 8.19 6.79 6.55
CA PRO B 229 8.81 8.00 7.05
C PRO B 229 8.42 8.25 8.51
N THR B 230 9.30 8.86 9.29
CA THR B 230 8.94 9.23 10.65
C THR B 230 9.35 10.65 10.88
N ILE B 231 8.74 11.20 11.90
CA ILE B 231 9.04 12.54 12.29
C ILE B 231 10.46 12.61 12.90
N ASP B 232 10.84 11.66 13.74
CA ASP B 232 12.24 11.69 14.24
C ASP B 232 13.26 11.62 13.08
N GLY B 233 13.00 10.76 12.11
CA GLY B 233 13.92 10.60 10.96
C GLY B 233 13.98 11.88 10.18
N ILE B 234 12.84 12.51 9.90
CA ILE B 234 12.87 13.74 9.12
C ILE B 234 13.56 14.88 9.91
N ASN B 235 13.33 14.97 11.21
CA ASN B 235 14.02 15.96 12.02
C ASN B 235 15.55 15.73 12.04
N ALA B 236 16.00 14.49 12.16
CA ALA B 236 17.47 14.21 12.18
C ALA B 236 18.03 14.57 10.81
N PHE B 237 17.32 14.26 9.73
CA PHE B 237 17.70 14.69 8.37
C PHE B 237 17.86 16.22 8.18
N LEU B 238 16.89 16.96 8.64
CA LEU B 238 16.90 18.36 8.49
C LEU B 238 17.97 19.05 9.42
N GLY B 239 18.45 18.35 10.43
CA GLY B 239 19.56 18.80 11.26
C GLY B 239 20.95 18.31 10.83
N ASP B 240 21.03 17.66 9.69
CA ASP B 240 22.28 17.07 9.18
C ASP B 240 23.04 18.09 8.34
N ARG B 241 24.25 18.38 8.76
CA ARG B 241 25.03 19.47 8.24
C ARG B 241 25.42 19.24 6.78
N LYS B 242 25.77 18.03 6.45
CA LYS B 242 26.09 17.68 5.09
C LYS B 242 24.86 17.94 4.14
N GLU B 243 23.69 17.50 4.55
CA GLU B 243 22.48 17.64 3.73
C GLU B 243 22.11 19.12 3.56
N SER B 244 22.25 19.88 4.64
CA SER B 244 21.96 21.30 4.56
CA SER B 244 22.01 21.31 4.61
C SER B 244 23.00 22.03 3.71
N ASP B 245 24.29 21.71 3.84
CA ASP B 245 25.30 22.33 2.94
C ASP B 245 25.01 21.99 1.48
N GLU B 246 24.63 20.76 1.23
CA GLU B 246 24.44 20.28 -0.13
C GLU B 246 23.40 21.17 -0.82
N LEU B 247 22.34 21.47 -0.09
CA LEU B 247 21.22 22.25 -0.67
C LEU B 247 21.71 23.66 -0.91
N TYR B 248 22.50 24.19 0.02
CA TYR B 248 22.97 25.57 -0.17
C TYR B 248 23.85 25.71 -1.41
N MET B 249 24.70 24.72 -1.65
CA MET B 249 25.53 24.71 -2.81
C MET B 249 24.73 24.71 -4.09
N VAL B 250 23.72 23.87 -4.20
CA VAL B 250 22.97 23.81 -5.46
CA VAL B 250 23.01 23.81 -5.46
C VAL B 250 22.10 25.07 -5.65
N LEU B 251 21.69 25.67 -4.54
CA LEU B 251 21.01 26.97 -4.57
C LEU B 251 21.92 28.05 -5.18
N ASP B 252 23.14 28.17 -4.63
CA ASP B 252 24.17 29.09 -5.22
C ASP B 252 24.33 28.82 -6.70
N GLU B 253 24.43 27.54 -7.09
CA GLU B 253 24.71 27.22 -8.49
C GLU B 253 23.53 27.52 -9.36
N GLU B 254 22.28 27.38 -8.88
CA GLU B 254 21.15 27.79 -9.74
C GLU B 254 20.97 29.33 -9.77
N LEU B 255 21.40 29.99 -8.73
CA LEU B 255 21.44 31.46 -8.73
C LEU B 255 22.41 31.95 -9.80
N LYS B 256 23.51 31.24 -10.01
CA LYS B 256 24.43 31.65 -11.08
C LYS B 256 23.70 31.62 -12.43
N MET B 257 23.03 30.51 -12.67
CA MET B 257 22.35 30.25 -13.96
C MET B 257 21.25 31.32 -14.14
N MET B 258 20.48 31.57 -13.09
CA MET B 258 19.42 32.60 -13.14
C MET B 258 19.96 34.00 -13.33
N ALA B 259 21.14 34.24 -12.80
CA ALA B 259 21.79 35.52 -13.00
C ALA B 259 22.30 35.71 -14.44
N ARG B 260 22.46 34.65 -15.21
CA ARG B 260 22.94 34.74 -16.60
C ARG B 260 21.77 34.82 -17.56
N ILE B 261 20.68 34.15 -17.25
CA ILE B 261 19.47 34.07 -18.06
CA ILE B 261 19.54 34.17 -18.16
C ILE B 261 18.50 35.27 -17.84
N CYS B 262 18.50 35.79 -16.62
CA CYS B 262 17.62 36.87 -16.20
C CYS B 262 18.45 38.13 -15.94
N PRO B 263 18.19 39.22 -16.66
CA PRO B 263 19.05 40.40 -16.46
C PRO B 263 19.03 40.95 -15.03
N ALA B 264 17.92 40.88 -14.29
CA ALA B 264 17.95 41.30 -12.86
C ALA B 264 18.19 40.14 -11.89
N GLY B 265 18.51 38.95 -12.42
CA GLY B 265 18.88 37.83 -11.55
C GLY B 265 17.69 37.17 -10.90
N GLY B 266 17.97 36.21 -10.03
CA GLY B 266 16.91 35.43 -9.41
C GLY B 266 16.59 35.86 -7.98
N GLN B 267 15.37 35.54 -7.56
CA GLN B 267 14.87 35.71 -6.22
C GLN B 267 14.44 34.37 -5.65
N VAL B 268 14.96 34.05 -4.47
CA VAL B 268 14.82 32.75 -3.87
C VAL B 268 13.53 32.71 -3.00
N THR B 269 12.80 31.63 -3.04
CA THR B 269 11.81 31.35 -1.99
C THR B 269 11.99 29.89 -1.56
N GLY B 270 11.38 29.55 -0.43
CA GLY B 270 11.53 28.22 0.16
C GLY B 270 12.39 28.38 1.39
N PRO B 271 13.00 27.32 1.89
CA PRO B 271 12.99 25.95 1.31
C PRO B 271 11.71 25.19 1.67
N HIS B 272 11.49 24.07 1.03
CA HIS B 272 10.28 23.28 1.16
CA HIS B 272 10.29 23.28 1.22
C HIS B 272 10.72 21.81 1.24
N LEU B 273 9.90 20.96 1.85
CA LEU B 273 10.19 19.54 1.86
C LEU B 273 9.28 18.94 0.81
N ARG B 274 9.86 18.27 -0.16
CA ARG B 274 9.04 17.60 -1.14
C ARG B 274 8.98 16.13 -0.72
N GLU B 275 7.79 15.61 -0.50
CA GLU B 275 7.60 14.25 -0.06
C GLU B 275 7.26 13.37 -1.25
N MET B 276 8.04 12.32 -1.47
CA MET B 276 7.72 11.33 -2.48
C MET B 276 7.29 10.02 -1.80
N ALA B 277 7.16 8.94 -2.56
CA ALA B 277 6.73 7.66 -2.02
C ALA B 277 7.79 6.99 -1.15
N ARG B 278 9.06 7.10 -1.50
CA ARG B 278 10.10 6.33 -0.83
C ARG B 278 11.19 7.24 -0.23
N LEU B 279 11.02 8.54 -0.37
CA LEU B 279 12.04 9.48 0.10
C LEU B 279 11.41 10.85 0.11
N ALA B 280 12.08 11.80 0.77
CA ALA B 280 11.74 13.21 0.67
C ALA B 280 12.98 13.99 0.31
N HIS B 281 12.78 15.12 -0.35
CA HIS B 281 13.88 16.02 -0.74
C HIS B 281 13.67 17.43 -0.14
N THR B 282 14.75 18.08 0.22
CA THR B 282 14.71 19.53 0.49
C THR B 282 14.96 20.33 -0.81
N GLU B 283 14.24 21.43 -0.99
CA GLU B 283 14.32 22.20 -2.22
C GLU B 283 14.12 23.70 -1.93
N TYR B 284 14.66 24.50 -2.83
CA TYR B 284 14.36 25.92 -2.97
C TYR B 284 13.77 26.24 -4.34
N PHE B 285 13.19 27.43 -4.47
CA PHE B 285 12.74 27.89 -5.79
C PHE B 285 13.44 29.18 -6.08
N ILE B 286 13.65 29.45 -7.34
CA ILE B 286 14.19 30.72 -7.77
C ILE B 286 13.34 31.27 -8.90
N VAL B 287 12.97 32.56 -8.84
CA VAL B 287 12.16 33.18 -9.90
C VAL B 287 12.88 34.40 -10.45
N GLY B 288 12.65 34.69 -11.72
CA GLY B 288 13.18 35.94 -12.30
C GLY B 288 12.50 36.24 -13.60
N HIS B 289 12.83 37.39 -14.17
CA HIS B 289 12.26 37.81 -15.43
C HIS B 289 13.24 37.67 -16.61
N THR B 290 12.76 37.18 -17.75
CA THR B 290 13.58 37.04 -18.94
C THR B 290 12.76 37.16 -20.22
N GLU B 291 13.38 37.70 -21.26
CA GLU B 291 12.79 37.71 -22.59
C GLU B 291 13.72 37.07 -23.64
N ALA B 292 14.68 36.28 -23.20
CA ALA B 292 15.49 35.47 -24.15
C ALA B 292 14.62 34.46 -24.91
N ASP B 293 15.02 34.16 -26.13
CA ASP B 293 14.36 33.13 -26.96
C ASP B 293 14.46 31.76 -26.29
N VAL B 294 13.41 30.95 -26.38
CA VAL B 294 13.38 29.62 -25.75
CA VAL B 294 13.38 29.66 -25.72
C VAL B 294 14.57 28.79 -26.16
N ARG B 295 14.98 28.90 -27.42
CA ARG B 295 16.10 28.08 -27.87
C ARG B 295 17.37 28.40 -27.12
N ASP B 296 17.58 29.70 -26.86
CA ASP B 296 18.76 30.18 -26.15
C ASP B 296 18.68 29.87 -24.69
N LEU B 297 17.48 29.96 -24.12
CA LEU B 297 17.27 29.55 -22.72
C LEU B 297 17.61 28.06 -22.50
N LEU B 298 17.17 27.20 -23.42
CA LEU B 298 17.40 25.81 -23.29
C LEU B 298 18.89 25.57 -23.40
N ARG B 299 19.56 26.17 -24.39
CA ARG B 299 20.99 25.93 -24.61
C ARG B 299 21.80 26.37 -23.42
N GLU B 300 21.50 27.57 -22.93
CA GLU B 300 22.29 28.14 -21.88
C GLU B 300 22.05 27.52 -20.52
N THR B 301 20.98 26.76 -20.35
CA THR B 301 20.78 26.08 -19.04
C THR B 301 21.07 24.59 -19.07
N MET B 302 21.71 24.11 -20.14
CA MET B 302 22.16 22.73 -20.16
C MET B 302 23.36 22.57 -19.25
N PHE B 303 23.37 21.69 -18.24
CA PHE B 303 22.18 21.08 -17.60
C PHE B 303 22.23 21.52 -16.16
N ALA B 304 21.18 21.25 -15.41
CA ALA B 304 21.08 21.77 -14.05
C ALA B 304 22.22 21.28 -13.16
N PRO B 305 22.68 22.12 -12.24
CA PRO B 305 23.82 21.68 -11.41
C PRO B 305 23.45 20.56 -10.47
N THR B 306 22.17 20.42 -10.20
CA THR B 306 21.72 19.34 -9.35
C THR B 306 21.97 17.98 -9.96
N VAL B 307 22.23 17.92 -11.28
CA VAL B 307 22.46 16.63 -11.94
C VAL B 307 23.80 16.56 -12.70
N THR B 308 24.68 17.57 -12.52
CA THR B 308 26.01 17.56 -13.09
C THR B 308 27.01 17.92 -12.02
N GLY B 309 26.98 19.19 -11.62
CA GLY B 309 27.74 19.69 -10.53
C GLY B 309 28.14 21.14 -10.76
N SER B 310 29.21 21.55 -10.10
CA SER B 310 29.62 22.92 -10.16
C SER B 310 31.06 23.15 -9.84
N PRO B 311 31.67 24.06 -10.58
CA PRO B 311 31.17 24.78 -11.77
C PRO B 311 30.87 23.85 -12.96
N ILE B 312 30.00 24.29 -13.87
CA ILE B 312 29.35 23.39 -14.83
C ILE B 312 30.33 22.80 -15.77
N GLU B 313 31.22 23.62 -16.32
CA GLU B 313 32.17 23.12 -17.26
C GLU B 313 33.14 22.14 -16.62
N SER B 314 33.63 22.47 -15.45
CA SER B 314 34.54 21.55 -14.73
C SER B 314 33.79 20.22 -14.42
N ALA B 315 32.52 20.30 -14.06
CA ALA B 315 31.71 19.09 -13.82
C ALA B 315 31.64 18.19 -15.05
N THR B 316 31.48 18.76 -16.25
CA THR B 316 31.45 17.94 -17.48
C THR B 316 32.75 17.17 -17.61
N ARG B 317 33.84 17.78 -17.21
CA ARG B 317 35.14 17.11 -17.25
C ARG B 317 35.31 16.05 -16.16
N VAL B 318 34.76 16.29 -14.98
CA VAL B 318 34.79 15.25 -13.92
C VAL B 318 33.92 14.07 -14.35
N ILE B 319 32.76 14.39 -14.91
CA ILE B 319 31.83 13.38 -15.36
C ILE B 319 32.49 12.48 -16.42
N ALA B 320 33.10 13.10 -17.42
CA ALA B 320 33.83 12.35 -18.45
C ALA B 320 34.97 11.51 -17.88
N ARG B 321 35.69 12.00 -16.88
CA ARG B 321 36.79 11.22 -16.30
C ARG B 321 36.30 10.01 -15.56
N HIS B 322 35.12 10.06 -14.92
CA HIS B 322 34.69 8.94 -14.09
C HIS B 322 33.57 8.07 -14.63
N GLU B 323 32.82 8.52 -15.63
CA GLU B 323 31.83 7.71 -16.30
C GLU B 323 32.48 7.19 -17.56
N ARG B 324 32.45 5.89 -17.73
CA ARG B 324 32.90 5.23 -18.97
C ARG B 324 31.86 5.36 -20.09
N ALA B 325 30.60 5.21 -19.73
CA ALA B 325 29.48 5.24 -20.68
C ALA B 325 28.97 6.66 -20.91
N GLY B 326 28.36 6.89 -22.05
CA GLY B 326 27.59 8.09 -22.25
C GLY B 326 26.38 8.11 -21.31
N ARG B 327 25.69 9.23 -21.25
CA ARG B 327 24.55 9.36 -20.37
C ARG B 327 23.21 9.16 -21.01
N GLY B 328 23.14 9.08 -22.35
CA GLY B 328 21.86 8.99 -23.04
C GLY B 328 21.10 10.31 -22.76
N TYR B 329 19.88 10.23 -22.24
CA TYR B 329 19.15 11.44 -21.89
C TYR B 329 19.19 11.68 -20.38
N TYR B 330 19.91 10.83 -19.63
CA TYR B 330 20.02 11.08 -18.19
C TYR B 330 20.62 12.48 -17.95
N SER B 331 20.00 13.21 -17.02
CA SER B 331 20.33 14.56 -16.64
C SER B 331 19.90 15.60 -17.72
N GLY B 332 19.33 15.12 -18.80
CA GLY B 332 18.86 15.98 -19.86
C GLY B 332 17.49 16.58 -19.55
N ILE B 333 16.81 17.01 -20.61
CA ILE B 333 15.58 17.82 -20.44
C ILE B 333 14.45 17.29 -21.31
N ALA B 334 13.23 17.27 -20.77
CA ALA B 334 12.03 17.10 -21.57
C ALA B 334 11.31 18.43 -21.51
N ALA B 335 11.10 19.09 -22.66
CA ALA B 335 10.61 20.48 -22.75
C ALA B 335 9.38 20.56 -23.61
N LEU B 336 8.32 21.10 -23.02
CA LEU B 336 7.08 21.37 -23.75
C LEU B 336 7.15 22.84 -24.08
N ILE B 337 7.13 23.19 -25.36
CA ILE B 337 7.34 24.58 -25.78
C ILE B 337 6.06 24.99 -26.45
N GLY B 338 5.50 26.12 -26.00
CA GLY B 338 4.19 26.50 -26.41
C GLY B 338 3.92 28.00 -26.49
N ARG B 339 2.64 28.30 -26.61
CA ARG B 339 2.13 29.66 -26.62
C ARG B 339 1.06 29.80 -25.59
N ASP B 340 1.01 30.96 -24.95
CA ASP B 340 -0.15 31.28 -24.14
C ASP B 340 -1.29 31.85 -25.03
N ALA B 341 -2.44 32.11 -24.39
CA ALA B 341 -3.66 32.60 -25.08
C ALA B 341 -3.40 33.72 -26.07
N ARG B 342 -2.54 34.64 -25.71
CA ARG B 342 -2.34 35.78 -26.58
C ARG B 342 -1.01 35.80 -27.31
N GLY B 343 -0.23 34.73 -27.27
CA GLY B 343 0.89 34.65 -28.23
C GLY B 343 2.28 34.69 -27.61
N GLY B 344 2.34 34.86 -26.30
CA GLY B 344 3.62 34.84 -25.62
C GLY B 344 4.12 33.38 -25.45
N ARG B 345 5.44 33.23 -25.50
CA ARG B 345 6.13 31.96 -25.27
C ARG B 345 5.84 31.33 -23.92
N THR B 346 5.63 30.03 -23.92
CA THR B 346 5.47 29.26 -22.72
C THR B 346 6.49 28.10 -22.80
N LEU B 347 7.07 27.74 -21.67
CA LEU B 347 7.92 26.61 -21.54
C LEU B 347 7.55 25.90 -20.24
N ASP B 348 7.34 24.59 -20.31
CA ASP B 348 7.37 23.71 -19.13
C ASP B 348 8.35 22.60 -19.43
N SER B 349 9.38 22.44 -18.59
CA SER B 349 10.40 21.47 -18.85
C SER B 349 10.79 20.81 -17.58
N ALA B 350 11.11 19.51 -17.69
CA ALA B 350 11.46 18.66 -16.59
C ALA B 350 12.86 18.12 -16.80
N ILE B 351 13.54 17.84 -15.69
CA ILE B 351 14.78 17.16 -15.73
C ILE B 351 14.57 15.66 -15.82
N LEU B 352 15.28 15.02 -16.74
CA LEU B 352 15.19 13.57 -16.94
C LEU B 352 16.05 12.80 -15.90
N ILE B 353 15.48 12.64 -14.72
CA ILE B 353 15.95 11.74 -13.67
C ILE B 353 14.74 10.94 -13.19
N ARG B 354 14.97 9.90 -12.40
CA ARG B 354 13.95 8.96 -12.01
C ARG B 354 13.16 8.50 -13.21
N THR B 355 13.89 8.17 -14.28
CA THR B 355 13.40 7.83 -15.57
C THR B 355 14.05 6.59 -16.17
N ALA B 356 13.25 5.74 -16.81
CA ALA B 356 13.66 4.60 -17.59
C ALA B 356 13.67 4.99 -19.06
N GLU B 357 14.79 4.69 -19.73
CA GLU B 357 14.86 4.72 -21.20
C GLU B 357 14.79 3.28 -21.64
N ILE B 358 13.91 3.00 -22.57
CA ILE B 358 13.73 1.61 -23.07
C ILE B 358 14.02 1.62 -24.55
N ASP B 359 14.93 0.76 -24.99
CA ASP B 359 15.25 0.74 -26.39
C ASP B 359 14.30 -0.23 -27.04
N ARG B 360 14.43 -0.33 -28.37
CA ARG B 360 13.51 -1.03 -29.21
C ARG B 360 13.50 -2.51 -28.92
N ALA B 361 14.60 -3.05 -28.39
CA ALA B 361 14.66 -4.46 -28.00
C ALA B 361 14.08 -4.73 -26.60
N GLY B 362 13.60 -3.70 -25.90
CA GLY B 362 13.12 -3.88 -24.54
C GLY B 362 14.16 -3.78 -23.44
N HIS B 363 15.33 -3.29 -23.77
CA HIS B 363 16.33 -3.08 -22.77
C HIS B 363 16.10 -1.77 -22.02
N VAL B 364 16.07 -1.87 -20.69
CA VAL B 364 15.75 -0.75 -19.80
C VAL B 364 17.01 -0.23 -19.13
N ARG B 365 17.21 1.08 -19.23
CA ARG B 365 18.28 1.79 -18.51
C ARG B 365 17.72 2.93 -17.67
N ILE B 366 17.94 2.84 -16.34
CA ILE B 366 17.53 3.82 -15.36
C ILE B 366 18.76 4.45 -14.71
N GLY B 367 19.06 5.66 -15.16
CA GLY B 367 20.19 6.40 -14.69
C GLY B 367 19.92 7.00 -13.32
N VAL B 368 20.92 6.97 -12.45
CA VAL B 368 20.78 7.55 -11.12
C VAL B 368 22.11 7.96 -10.57
N GLY B 369 22.12 9.09 -9.88
CA GLY B 369 23.29 9.54 -9.17
C GLY B 369 22.93 10.26 -7.88
N SER B 370 23.92 10.93 -7.28
CA SER B 370 23.67 11.79 -6.15
C SER B 370 24.70 12.90 -6.04
N THR B 371 24.33 13.97 -5.36
CA THR B 371 25.20 15.13 -5.27
C THR B 371 26.32 14.78 -4.26
N LEU B 372 27.56 14.69 -4.76
CA LEU B 372 28.68 14.36 -3.92
C LEU B 372 29.34 15.64 -3.46
N VAL B 373 29.59 15.72 -2.15
CA VAL B 373 30.18 16.92 -1.54
C VAL B 373 31.29 16.40 -0.60
N ARG B 374 32.00 17.33 0.01
CA ARG B 374 33.29 17.09 0.68
C ARG B 374 33.09 16.14 1.85
N HIS B 375 31.91 16.24 2.46
CA HIS B 375 31.56 15.41 3.63
C HIS B 375 30.57 14.28 3.28
N SER B 376 30.51 13.89 2.01
CA SER B 376 29.71 12.75 1.62
C SER B 376 30.30 11.49 2.22
N ASP B 377 29.42 10.56 2.61
CA ASP B 377 29.78 9.22 3.04
C ASP B 377 29.42 8.26 1.91
N ALA B 378 30.40 7.55 1.37
CA ALA B 378 30.24 6.72 0.18
C ALA B 378 29.12 5.68 0.33
N VAL B 379 29.04 4.99 1.45
CA VAL B 379 27.98 3.99 1.68
C VAL B 379 26.62 4.68 1.71
N SER B 380 26.51 5.88 2.31
CA SER B 380 25.21 6.59 2.34
C SER B 380 24.82 7.04 0.96
N GLU B 381 25.77 7.50 0.17
CA GLU B 381 25.51 7.84 -1.23
C GLU B 381 25.05 6.62 -2.06
N VAL B 382 25.63 5.45 -1.84
CA VAL B 382 25.12 4.22 -2.49
C VAL B 382 23.65 3.98 -2.14
N MET B 383 23.34 4.06 -0.84
CA MET B 383 21.95 3.86 -0.33
CA MET B 383 21.95 3.84 -0.37
C MET B 383 21.01 4.92 -0.89
N GLU B 384 21.52 6.14 -1.06
CA GLU B 384 20.71 7.22 -1.64
C GLU B 384 20.31 6.86 -3.08
N THR B 385 21.24 6.31 -3.87
CA THR B 385 20.86 5.90 -5.24
C THR B 385 19.76 4.83 -5.25
N HIS B 386 19.84 3.84 -4.36
CA HIS B 386 18.77 2.83 -4.23
C HIS B 386 17.47 3.50 -3.81
N ALA B 387 17.51 4.46 -2.90
CA ALA B 387 16.25 5.10 -2.48
C ALA B 387 15.61 5.80 -3.70
N LYS B 388 16.41 6.48 -4.51
CA LYS B 388 15.92 7.29 -5.62
C LYS B 388 15.34 6.49 -6.76
N VAL B 389 15.86 5.32 -7.00
CA VAL B 389 15.32 4.41 -8.02
C VAL B 389 14.17 3.53 -7.49
N ALA B 390 13.94 3.52 -6.16
CA ALA B 390 12.93 2.59 -5.57
C ALA B 390 11.54 2.75 -6.17
N ALA B 391 11.02 3.96 -6.35
CA ALA B 391 9.64 4.06 -6.86
C ALA B 391 9.49 3.57 -8.34
N LEU B 392 10.44 3.92 -9.18
CA LEU B 392 10.41 3.46 -10.57
C LEU B 392 10.68 1.96 -10.68
N SER B 393 11.59 1.48 -9.86
CA SER B 393 11.86 0.04 -9.84
C SER B 393 10.64 -0.75 -9.38
N ASN B 394 9.94 -0.24 -8.37
CA ASN B 394 8.71 -0.83 -7.88
C ASN B 394 7.61 -0.84 -8.94
N ALA B 395 7.58 0.20 -9.80
CA ALA B 395 6.61 0.29 -10.88
C ALA B 395 6.83 -0.81 -11.88
N PHE B 396 8.07 -1.26 -12.06
CA PHE B 396 8.39 -2.37 -12.95
C PHE B 396 8.06 -3.73 -12.28
N ASP B 397 8.45 -3.84 -11.01
CA ASP B 397 8.35 -5.09 -10.22
C ASP B 397 7.68 -4.79 -8.89
N PRO B 398 6.37 -4.79 -8.83
CA PRO B 398 5.78 -4.32 -7.60
C PRO B 398 6.01 -5.31 -6.47
N PRO B 399 6.45 -4.84 -5.30
CA PRO B 399 6.63 -5.74 -4.13
C PRO B 399 5.39 -6.53 -3.66
N GLU B 400 4.20 -6.10 -4.04
CA GLU B 400 2.97 -6.88 -3.79
C GLU B 400 2.77 -8.04 -4.76
N ALA B 401 3.59 -8.13 -5.81
CA ALA B 401 3.52 -9.28 -6.72
C ALA B 401 4.11 -10.51 -6.02
N GLY B 402 4.96 -10.29 -5.01
CA GLY B 402 5.62 -11.37 -4.30
C GLY B 402 4.67 -12.29 -3.55
N PRO B 403 5.20 -13.41 -3.06
CA PRO B 403 4.27 -14.36 -2.41
C PRO B 403 3.57 -13.76 -1.17
N ALA B 404 2.29 -14.06 -1.01
CA ALA B 404 1.51 -13.64 0.18
C ALA B 404 2.00 -14.36 1.44
N LEU B 405 1.76 -13.77 2.60
CA LEU B 405 2.07 -14.42 3.91
C LEU B 405 1.41 -15.78 4.04
N GLY B 406 0.27 -15.95 3.42
CA GLY B 406 -0.40 -17.20 3.47
C GLY B 406 0.32 -18.30 2.74
N GLN B 407 1.28 -17.93 1.89
CA GLN B 407 1.96 -18.91 1.11
C GLN B 407 3.31 -19.21 1.75
N HIS B 408 3.67 -18.52 2.83
CA HIS B 408 4.94 -18.77 3.54
C HIS B 408 5.01 -20.24 4.01
N PRO B 409 6.19 -20.89 3.98
CA PRO B 409 6.21 -22.30 4.23
C PRO B 409 5.78 -22.66 5.62
N SER B 410 5.99 -21.77 6.61
CA SER B 410 5.55 -22.04 8.00
CA SER B 410 5.57 -22.04 8.00
C SER B 410 4.04 -22.04 8.11
N VAL B 411 3.41 -21.20 7.31
CA VAL B 411 1.95 -21.11 7.37
C VAL B 411 1.34 -22.34 6.64
N GLN B 412 1.87 -22.67 5.48
CA GLN B 412 1.39 -23.86 4.79
C GLN B 412 1.56 -25.09 5.63
N ALA B 413 2.73 -25.27 6.27
CA ALA B 413 2.90 -26.40 7.17
C ALA B 413 1.89 -26.40 8.35
N ALA B 414 1.74 -25.28 9.03
CA ALA B 414 0.83 -25.19 10.17
C ALA B 414 -0.58 -25.57 9.68
N LEU B 415 -0.94 -25.13 8.49
CA LEU B 415 -2.30 -25.43 7.98
C LEU B 415 -2.46 -26.92 7.66
N ARG B 416 -1.48 -27.49 6.98
CA ARG B 416 -1.49 -28.91 6.70
C ARG B 416 -1.53 -29.75 7.97
N GLU B 417 -0.87 -29.32 9.04
CA GLU B 417 -0.87 -30.08 10.25
C GLU B 417 -2.24 -30.22 10.83
N ARG B 418 -3.10 -29.26 10.59
CA ARG B 418 -4.46 -29.37 11.15
C ARG B 418 -5.19 -30.63 10.71
N ASN B 419 -4.74 -31.18 9.59
CA ASN B 419 -5.36 -32.35 8.99
C ASN B 419 -4.73 -33.66 9.42
N GLU B 420 -3.70 -33.63 10.24
CA GLU B 420 -3.06 -34.82 10.68
C GLU B 420 -3.75 -35.29 11.97
N GLY B 421 -4.02 -36.57 12.10
CA GLY B 421 -4.62 -37.11 13.34
C GLY B 421 -6.07 -36.70 13.62
N ILE B 422 -6.81 -36.46 12.55
CA ILE B 422 -8.26 -36.20 12.62
C ILE B 422 -8.98 -37.21 11.71
N ALA B 423 -10.29 -37.09 11.59
CA ALA B 423 -11.06 -38.06 10.83
C ALA B 423 -10.64 -38.07 9.37
N ASP B 424 -10.31 -39.24 8.90
CA ASP B 424 -10.08 -39.49 7.48
C ASP B 424 -11.35 -39.49 6.67
N PHE B 425 -12.40 -40.05 7.20
CA PHE B 425 -13.66 -40.22 6.48
C PHE B 425 -14.10 -38.96 5.72
N TRP B 426 -14.07 -37.83 6.40
CA TRP B 426 -14.71 -36.65 5.86
C TRP B 426 -13.89 -35.99 4.77
N PHE B 427 -12.61 -36.40 4.66
CA PHE B 427 -11.71 -35.91 3.63
C PHE B 427 -11.71 -36.80 2.39
N ARG B 428 -12.34 -37.94 2.48
CA ARG B 428 -12.36 -38.83 1.33
C ARG B 428 -13.35 -38.35 0.27
N PRO B 429 -13.12 -38.70 -0.99
CA PRO B 429 -14.10 -38.25 -2.03
C PRO B 429 -15.54 -38.72 -1.76
N TYR B 430 -16.48 -37.80 -2.05
CA TYR B 430 -17.97 -37.95 -1.88
C TYR B 430 -18.47 -39.39 -1.83
N GLY B 431 -18.10 -40.20 -2.83
CA GLY B 431 -18.51 -41.60 -2.82
C GLY B 431 -17.76 -42.49 -3.79
N GLY B 432 -16.55 -42.95 -3.47
CA GLY B 432 -15.78 -42.53 -2.30
C GLY B 432 -15.59 -43.55 -1.18
N ARG B 433 -16.58 -43.58 -0.30
CA ARG B 433 -16.40 -44.04 1.08
C ARG B 433 -17.59 -44.88 1.57
N ALA B 442 -18.68 -57.91 6.68
CA ALA B 442 -19.42 -57.29 7.74
C ALA B 442 -20.59 -58.18 8.19
N GLU B 443 -20.62 -58.45 9.49
CA GLU B 443 -21.86 -58.84 10.15
C GLU B 443 -22.97 -57.77 9.97
N LEU B 444 -22.60 -56.54 9.60
CA LEU B 444 -23.53 -55.38 9.60
C LEU B 444 -24.22 -55.12 8.27
N SER B 445 -23.69 -55.69 7.21
CA SER B 445 -24.29 -55.68 5.88
C SER B 445 -25.81 -55.57 5.76
N GLY B 446 -26.59 -56.54 6.24
CA GLY B 446 -28.07 -56.37 6.14
C GLY B 446 -28.77 -55.27 7.00
N CYS B 447 -28.04 -54.74 7.97
CA CYS B 447 -28.66 -54.28 9.19
C CYS B 447 -29.42 -52.93 9.03
N ARG B 448 -30.62 -52.83 9.61
CA ARG B 448 -31.40 -51.57 9.57
C ARG B 448 -31.30 -50.83 10.90
N ALA B 449 -30.95 -49.55 10.82
CA ALA B 449 -30.80 -48.73 12.00
C ALA B 449 -31.79 -47.57 11.99
N LEU B 450 -32.47 -47.36 13.12
CA LEU B 450 -33.29 -46.17 13.38
C LEU B 450 -32.40 -45.24 14.20
N ILE B 451 -32.28 -43.98 13.77
CA ILE B 451 -31.51 -42.96 14.56
C ILE B 451 -32.51 -41.93 15.06
N VAL B 452 -32.58 -41.79 16.37
CA VAL B 452 -33.45 -40.89 17.04
C VAL B 452 -32.70 -39.59 17.35
N ASP B 453 -33.13 -38.53 16.71
CA ASP B 453 -32.49 -37.17 16.79
C ASP B 453 -33.07 -36.41 17.98
N ALA B 454 -32.21 -35.93 18.87
CA ALA B 454 -32.65 -35.21 20.08
C ALA B 454 -32.22 -33.74 19.99
N GLU B 455 -32.23 -33.24 18.75
CA GLU B 455 -32.09 -31.82 18.40
C GLU B 455 -30.61 -31.48 18.22
N ASP B 456 -29.88 -32.36 17.57
CA ASP B 456 -28.53 -32.06 17.12
C ASP B 456 -28.32 -32.87 15.87
N HIS B 457 -28.05 -32.20 14.74
CA HIS B 457 -27.93 -32.89 13.46
C HIS B 457 -26.63 -33.64 13.25
N PHE B 458 -25.88 -33.85 14.32
CA PHE B 458 -24.83 -34.88 14.32
C PHE B 458 -25.39 -36.25 13.86
N THR B 459 -26.63 -36.48 14.16
CA THR B 459 -27.34 -37.59 13.57
CA THR B 459 -27.28 -37.63 13.59
C THR B 459 -27.11 -37.78 12.10
N ALA B 460 -27.10 -36.70 11.30
CA ALA B 460 -26.98 -36.88 9.85
C ALA B 460 -25.58 -37.43 9.58
N MET B 461 -24.63 -37.04 10.41
CA MET B 461 -23.26 -37.51 10.25
C MET B 461 -23.08 -38.95 10.73
N ILE B 462 -23.75 -39.32 11.83
CA ILE B 462 -23.79 -40.73 12.26
C ILE B 462 -24.39 -41.60 11.14
N ALA B 463 -25.44 -41.10 10.50
CA ALA B 463 -26.11 -41.84 9.41
C ALA B 463 -25.19 -42.08 8.23
N GLN B 464 -24.40 -41.09 7.86
CA GLN B 464 -23.47 -41.30 6.74
C GLN B 464 -22.42 -42.35 7.10
N GLN B 465 -21.91 -42.31 8.34
CA GLN B 465 -20.87 -43.28 8.70
C GLN B 465 -21.48 -44.71 8.81
N LEU B 466 -22.69 -44.80 9.36
CA LEU B 466 -23.38 -46.10 9.42
C LEU B 466 -23.65 -46.69 8.04
N SER B 467 -24.00 -45.84 7.10
CA SER B 467 -24.22 -46.24 5.71
CA SER B 467 -24.22 -46.25 5.70
C SER B 467 -22.93 -46.79 5.06
N SER B 468 -21.81 -46.16 5.32
CA SER B 468 -20.54 -46.72 4.88
C SER B 468 -20.25 -48.11 5.49
N LEU B 469 -20.79 -48.42 6.67
CA LEU B 469 -20.58 -49.76 7.25
C LEU B 469 -21.52 -50.78 6.62
N GLY B 470 -22.43 -50.32 5.75
CA GLY B 470 -23.38 -51.22 5.11
C GLY B 470 -24.79 -51.21 5.68
N LEU B 471 -25.05 -50.40 6.69
CA LEU B 471 -26.38 -50.34 7.26
C LEU B 471 -27.31 -49.47 6.44
N ALA B 472 -28.58 -49.80 6.44
CA ALA B 472 -29.59 -48.90 5.89
C ALA B 472 -29.99 -48.10 7.13
N THR B 473 -30.27 -46.82 6.96
CA THR B 473 -30.60 -45.96 8.08
C THR B 473 -31.85 -45.10 7.84
N GLU B 474 -32.53 -44.80 8.94
CA GLU B 474 -33.67 -43.87 8.96
CA GLU B 474 -33.65 -43.87 8.93
C GLU B 474 -33.54 -43.02 10.19
N VAL B 475 -33.86 -41.74 10.07
CA VAL B 475 -33.79 -40.78 11.22
C VAL B 475 -35.22 -40.32 11.62
N CYS B 476 -35.56 -40.42 12.90
CA CYS B 476 -36.79 -39.80 13.39
C CYS B 476 -36.46 -38.82 14.50
N GLY B 477 -37.49 -38.18 15.00
CA GLY B 477 -37.37 -37.31 16.18
C GLY B 477 -37.83 -38.05 17.42
N VAL B 478 -37.41 -37.53 18.57
CA VAL B 478 -37.63 -38.11 19.86
C VAL B 478 -39.07 -38.25 20.12
N HIS B 479 -39.85 -37.25 19.72
CA HIS B 479 -41.29 -37.28 19.97
C HIS B 479 -42.08 -38.16 19.01
N ASP B 480 -41.44 -38.78 18.01
CA ASP B 480 -42.27 -39.61 17.05
C ASP B 480 -42.56 -40.99 17.58
N ALA B 481 -43.62 -41.59 17.07
CA ALA B 481 -43.95 -42.99 17.37
C ALA B 481 -43.43 -43.81 16.20
N VAL B 482 -42.74 -44.90 16.49
CA VAL B 482 -42.25 -45.77 15.43
C VAL B 482 -42.56 -47.24 15.71
N ASP B 483 -42.39 -48.06 14.69
CA ASP B 483 -42.51 -49.51 14.81
C ASP B 483 -41.09 -50.10 14.85
N LEU B 484 -40.70 -50.57 16.03
CA LEU B 484 -39.34 -51.03 16.29
C LEU B 484 -39.01 -52.35 15.58
N ALA B 485 -40.04 -53.13 15.19
CA ALA B 485 -39.84 -54.38 14.49
C ALA B 485 -39.15 -54.17 13.13
N ARG B 486 -39.27 -53.00 12.54
CA ARG B 486 -38.59 -52.71 11.26
C ARG B 486 -37.08 -52.51 11.38
N TYR B 487 -36.56 -52.43 12.59
CA TYR B 487 -35.16 -52.15 12.79
C TYR B 487 -34.44 -53.23 13.58
N ASP B 488 -33.17 -53.41 13.25
CA ASP B 488 -32.29 -54.28 13.99
C ASP B 488 -31.66 -53.52 15.18
N VAL B 489 -31.40 -52.25 15.04
CA VAL B 489 -30.71 -51.48 16.08
C VAL B 489 -31.19 -50.06 16.09
N VAL B 490 -31.31 -49.51 17.28
CA VAL B 490 -31.69 -48.12 17.47
C VAL B 490 -30.49 -47.31 17.98
N VAL B 491 -30.24 -46.19 17.35
CA VAL B 491 -29.26 -45.24 17.81
C VAL B 491 -29.97 -44.08 18.49
N MET B 492 -29.67 -43.89 19.77
CA MET B 492 -30.16 -42.78 20.54
C MET B 492 -29.14 -41.66 20.49
N GLY B 493 -29.57 -40.54 19.95
CA GLY B 493 -28.69 -39.45 19.50
C GLY B 493 -28.33 -38.40 20.56
N PRO B 494 -27.45 -37.49 20.19
CA PRO B 494 -26.93 -36.44 21.08
C PRO B 494 -27.91 -35.28 21.13
N GLY B 495 -27.71 -34.37 22.07
CA GLY B 495 -28.47 -33.14 22.08
C GLY B 495 -28.12 -32.20 23.21
N PRO B 496 -28.71 -31.01 23.16
CA PRO B 496 -28.37 -29.96 24.10
C PRO B 496 -29.11 -30.19 25.38
N GLY B 497 -28.64 -29.56 26.45
CA GLY B 497 -29.30 -29.58 27.72
C GLY B 497 -28.53 -30.36 28.75
N ASP B 498 -29.15 -30.46 29.92
CA ASP B 498 -28.57 -31.12 31.04
C ASP B 498 -29.31 -32.51 31.18
N PRO B 499 -28.55 -33.62 31.10
CA PRO B 499 -29.15 -34.96 31.15
C PRO B 499 -29.90 -35.23 32.46
N SER B 500 -29.64 -34.44 33.50
CA SER B 500 -30.39 -34.64 34.77
C SER B 500 -31.69 -33.84 34.75
N ASP B 501 -31.98 -33.11 33.70
CA ASP B 501 -33.14 -32.18 33.74
C ASP B 501 -34.39 -32.90 33.23
N ALA B 502 -34.89 -33.85 34.02
CA ALA B 502 -35.99 -34.74 33.58
C ALA B 502 -37.36 -34.02 33.45
N GLY B 503 -37.43 -32.79 33.92
CA GLY B 503 -38.58 -31.91 33.67
C GLY B 503 -38.42 -31.01 32.45
N ASP B 504 -37.54 -31.39 31.51
CA ASP B 504 -37.63 -30.90 30.17
C ASP B 504 -38.29 -32.00 29.32
N PRO B 505 -39.42 -31.70 28.64
CA PRO B 505 -40.16 -32.77 27.93
C PRO B 505 -39.26 -33.61 27.01
N ARG B 506 -38.31 -32.98 26.35
CA ARG B 506 -37.51 -33.71 25.36
C ARG B 506 -36.56 -34.69 26.11
N ILE B 507 -36.00 -34.23 27.19
CA ILE B 507 -35.10 -35.07 27.96
C ILE B 507 -35.90 -36.22 28.60
N ALA B 508 -37.06 -35.91 29.14
CA ALA B 508 -37.93 -36.93 29.75
C ALA B 508 -38.25 -38.01 28.72
N ARG B 509 -38.52 -37.56 27.49
CA ARG B 509 -38.86 -38.48 26.43
C ARG B 509 -37.67 -39.43 26.11
N LEU B 510 -36.43 -38.91 26.22
CA LEU B 510 -35.22 -39.72 26.05
C LEU B 510 -35.11 -40.79 27.12
N TYR B 511 -35.46 -40.42 28.37
CA TYR B 511 -35.54 -41.38 29.46
C TYR B 511 -36.51 -42.49 29.13
N ALA B 512 -37.70 -42.14 28.69
CA ALA B 512 -38.72 -43.16 28.33
C ALA B 512 -38.24 -44.05 27.20
N TRP B 513 -37.56 -43.50 26.20
CA TRP B 513 -37.04 -44.33 25.10
C TRP B 513 -36.00 -45.35 25.62
N LEU B 514 -35.04 -44.88 26.40
CA LEU B 514 -34.01 -45.75 26.89
C LEU B 514 -34.58 -46.87 27.81
N ARG B 515 -35.50 -46.49 28.74
CA ARG B 515 -36.14 -47.48 29.64
C ARG B 515 -36.91 -48.56 28.85
N HIS B 516 -37.62 -48.15 27.80
CA HIS B 516 -38.31 -49.09 26.96
C HIS B 516 -37.30 -50.01 26.21
N LEU B 517 -36.21 -49.46 25.67
CA LEU B 517 -35.27 -50.30 24.87
C LEU B 517 -34.55 -51.31 25.77
N ILE B 518 -34.17 -50.84 26.95
CA ILE B 518 -33.61 -51.70 27.98
C ILE B 518 -34.58 -52.83 28.32
N ASP B 519 -35.82 -52.48 28.64
CA ASP B 519 -36.81 -53.47 29.07
C ASP B 519 -37.16 -54.47 27.96
N GLU B 520 -37.20 -54.00 26.72
CA GLU B 520 -37.48 -54.87 25.59
C GLU B 520 -36.29 -55.72 25.17
N GLY B 521 -35.10 -55.37 25.62
CA GLY B 521 -33.89 -56.03 25.12
C GLY B 521 -33.60 -55.71 23.64
N LYS B 522 -34.08 -54.56 23.17
CA LYS B 522 -33.85 -54.17 21.78
C LYS B 522 -32.41 -53.63 21.58
N PRO B 523 -31.67 -54.11 20.57
CA PRO B 523 -30.30 -53.58 20.52
C PRO B 523 -30.31 -52.05 20.33
N PHE B 524 -29.49 -51.34 21.09
CA PHE B 524 -29.32 -49.93 20.90
C PHE B 524 -27.93 -49.44 21.23
N MET B 525 -27.62 -48.29 20.67
CA MET B 525 -26.35 -47.60 20.90
CA MET B 525 -26.35 -47.60 20.82
C MET B 525 -26.70 -46.18 21.26
N ALA B 526 -26.21 -45.74 22.40
CA ALA B 526 -26.55 -44.38 22.93
C ALA B 526 -25.34 -43.42 22.82
N VAL B 527 -25.56 -42.26 22.21
CA VAL B 527 -24.54 -41.25 22.00
C VAL B 527 -24.68 -39.96 22.85
N CYG B 528 -23.57 -39.59 23.58
CA CYG B 528 -23.52 -38.33 24.33
C CYG B 528 -24.71 -38.10 25.30
O CYG B 528 -24.78 -38.79 26.30
CB CYG B 528 -23.20 -37.20 23.38
SG CYG B 528 -22.56 -35.80 24.34
N1 CYG B 528 -25.93 -31.39 26.12
CA1 CYG B 528 -25.14 -32.42 26.87
CB1 CYG B 528 -24.91 -33.58 26.02
CG1 CYG B 528 -24.17 -33.23 24.68
CD1 CYG B 528 -24.08 -34.56 23.95
OE2 CYG B 528 -25.01 -34.79 23.17
C1 CYG B 528 -23.76 -31.97 27.38
O1 CYG B 528 -23.14 -32.76 28.17
O2 CYG B 528 -23.38 -30.85 27.04
N LEU B 529 -25.64 -37.21 24.97
CA LEU B 529 -26.82 -36.95 25.82
C LEU B 529 -27.49 -38.28 26.20
N SER B 530 -27.69 -39.14 25.22
CA SER B 530 -28.42 -40.37 25.46
C SER B 530 -27.55 -41.36 26.27
N HIS B 531 -26.24 -41.35 26.06
CA HIS B 531 -25.29 -42.06 26.91
C HIS B 531 -25.40 -41.61 28.37
N GLN B 532 -25.45 -40.29 28.58
CA GLN B 532 -25.58 -39.72 29.93
C GLN B 532 -26.86 -40.14 30.61
N ILE B 533 -27.95 -40.02 29.88
CA ILE B 533 -29.26 -40.47 30.37
C ILE B 533 -29.25 -41.95 30.68
N LEU B 534 -28.61 -42.77 29.84
CA LEU B 534 -28.48 -44.17 30.12
C LEU B 534 -27.76 -44.40 31.43
N ASN B 535 -26.66 -43.70 31.64
CA ASN B 535 -25.95 -43.84 32.91
C ASN B 535 -26.85 -43.57 34.07
N ALA B 536 -27.67 -42.51 33.95
CA ALA B 536 -28.51 -42.14 35.09
C ALA B 536 -29.50 -43.28 35.29
N ILE B 537 -30.02 -43.84 34.20
CA ILE B 537 -30.99 -44.96 34.34
C ILE B 537 -30.37 -46.14 35.05
N LEU B 538 -29.12 -46.38 34.77
CA LEU B 538 -28.40 -47.53 35.39
C LEU B 538 -27.92 -47.23 36.78
N GLY B 539 -28.09 -46.01 37.28
CA GLY B 539 -27.67 -45.68 38.66
C GLY B 539 -26.28 -45.09 38.78
N ILE B 540 -25.68 -44.67 37.68
CA ILE B 540 -24.33 -44.10 37.74
C ILE B 540 -24.46 -42.57 37.90
N PRO B 541 -23.74 -41.95 38.85
CA PRO B 541 -23.86 -40.44 39.05
C PRO B 541 -23.53 -39.59 37.82
N LEU B 542 -24.30 -38.50 37.58
CA LEU B 542 -23.94 -37.51 36.61
C LEU B 542 -23.38 -36.22 37.31
N VAL B 543 -22.45 -35.52 36.66
CA VAL B 543 -21.86 -34.32 37.19
C VAL B 543 -21.46 -33.43 36.09
N ARG B 544 -21.48 -32.14 36.39
CA ARG B 544 -20.97 -31.13 35.49
C ARG B 544 -19.45 -31.14 35.51
N ARG B 545 -18.79 -31.19 34.36
CA ARG B 545 -17.32 -31.05 34.32
C ARG B 545 -16.93 -29.58 34.66
N GLU B 546 -15.90 -29.39 35.48
CA GLU B 546 -15.46 -27.99 35.76
C GLU B 546 -15.01 -27.33 34.52
N VAL B 547 -14.29 -28.06 33.68
CA VAL B 547 -13.96 -27.48 32.35
C VAL B 547 -14.73 -28.32 31.31
N PRO B 548 -15.70 -27.73 30.61
CA PRO B 548 -16.43 -28.52 29.62
C PRO B 548 -15.55 -29.13 28.52
N ASN B 549 -15.81 -30.37 28.15
CA ASN B 549 -15.17 -31.01 27.00
C ASN B 549 -16.04 -30.69 25.75
N GLN B 550 -16.15 -29.43 25.43
CA GLN B 550 -17.02 -28.99 24.30
C GLN B 550 -16.08 -28.63 23.17
N GLY B 551 -15.93 -29.56 22.24
CA GLY B 551 -15.17 -29.39 21.02
C GLY B 551 -13.68 -29.59 21.25
N ILE B 552 -13.31 -30.81 21.61
CA ILE B 552 -11.95 -31.15 21.91
C ILE B 552 -11.70 -32.63 21.57
N GLN B 553 -10.49 -32.88 21.11
CA GLN B 553 -9.99 -34.23 20.84
C GLN B 553 -9.21 -34.70 22.05
N VAL B 554 -9.56 -35.88 22.54
CA VAL B 554 -8.98 -36.42 23.74
C VAL B 554 -8.58 -37.88 23.43
N GLU B 555 -7.36 -38.24 23.81
CA GLU B 555 -6.93 -39.66 23.72
C GLU B 555 -7.39 -40.39 24.98
N ILE B 556 -8.07 -41.51 24.79
CA ILE B 556 -8.71 -42.28 25.84
C ILE B 556 -8.34 -43.75 25.64
N ASP B 557 -8.45 -44.51 26.73
CA ASP B 557 -8.44 -45.98 26.69
C ASP B 557 -9.87 -46.42 26.58
N LEU B 558 -10.23 -47.04 25.46
CA LEU B 558 -11.61 -47.52 25.20
C LEU B 558 -11.60 -49.05 25.26
N PHE B 559 -12.00 -49.59 26.39
CA PHE B 559 -12.00 -51.03 26.66
C PHE B 559 -10.67 -51.70 26.24
N GLY B 560 -9.58 -51.10 26.72
CA GLY B 560 -8.26 -51.67 26.54
C GLY B 560 -7.57 -51.16 25.28
N GLN B 561 -8.23 -50.42 24.40
CA GLN B 561 -7.56 -49.83 23.20
C GLN B 561 -7.45 -48.31 23.27
N ARG B 562 -6.31 -47.77 22.89
CA ARG B 562 -6.07 -46.35 22.89
C ARG B 562 -6.81 -45.78 21.69
N GLU B 563 -7.68 -44.81 21.88
CA GLU B 563 -8.35 -44.16 20.75
C GLU B 563 -8.25 -42.65 20.93
N ARG B 564 -8.39 -41.93 19.81
CA ARG B 564 -8.47 -40.45 19.79
C ARG B 564 -9.82 -40.06 19.28
N VAL B 565 -10.58 -39.41 20.16
CA VAL B 565 -11.98 -39.21 19.94
C VAL B 565 -12.37 -37.77 20.15
N GLY B 566 -13.43 -37.36 19.46
CA GLY B 566 -13.97 -36.01 19.62
C GLY B 566 -15.08 -35.92 20.64
N PHE B 567 -14.93 -35.02 21.60
CA PHE B 567 -15.98 -34.73 22.59
C PHE B 567 -16.65 -33.36 22.42
N TYR B 568 -17.96 -33.36 22.62
CA TYR B 568 -18.80 -32.20 22.74
C TYR B 568 -19.75 -32.37 23.92
N ASN B 569 -19.26 -32.25 25.16
CA ASN B 569 -20.12 -32.42 26.33
C ASN B 569 -19.69 -31.57 27.48
N THR B 570 -20.68 -31.10 28.24
CA THR B 570 -20.44 -30.38 29.47
C THR B 570 -20.55 -31.29 30.68
N TYR B 571 -21.42 -32.30 30.57
CA TYR B 571 -21.72 -33.23 31.69
C TYR B 571 -21.09 -34.56 31.41
N VAL B 572 -20.86 -35.34 32.45
CA VAL B 572 -20.26 -36.65 32.32
CA VAL B 572 -20.27 -36.67 32.31
C VAL B 572 -20.83 -37.57 33.42
N ALA B 573 -20.77 -38.88 33.20
CA ALA B 573 -21.08 -39.88 34.19
C ALA B 573 -19.75 -40.20 34.85
N GLN B 574 -19.80 -40.60 36.13
CA GLN B 574 -18.64 -40.77 36.95
C GLN B 574 -18.85 -41.92 37.89
N THR B 575 -17.87 -42.87 37.90
CA THR B 575 -17.88 -44.03 38.81
C THR B 575 -16.44 -44.62 39.13
N VAL B 576 -16.31 -45.24 40.30
CA VAL B 576 -15.11 -46.02 40.68
CA VAL B 576 -15.07 -45.98 40.62
C VAL B 576 -15.04 -47.40 39.98
N ARG B 577 -16.17 -47.83 39.39
CA ARG B 577 -16.36 -49.20 38.89
C ARG B 577 -15.97 -49.43 37.42
N ASP B 578 -15.39 -50.60 37.15
CA ASP B 578 -15.11 -51.10 35.81
C ASP B 578 -16.24 -52.01 35.36
N GLU B 579 -17.05 -52.44 36.31
CA GLU B 579 -18.12 -53.41 36.00
C GLU B 579 -19.15 -53.26 37.05
N MET B 580 -20.41 -53.24 36.67
CA MET B 580 -21.44 -53.31 37.68
C MET B 580 -22.59 -54.18 37.26
N ASP B 581 -23.31 -54.63 38.24
CA ASP B 581 -24.50 -55.45 37.98
C ASP B 581 -25.69 -54.55 38.28
N VAL B 582 -26.63 -54.47 37.35
CA VAL B 582 -27.77 -53.52 37.47
C VAL B 582 -29.08 -54.29 37.39
N ASP B 583 -30.01 -54.02 38.30
CA ASP B 583 -31.29 -54.73 38.32
C ASP B 583 -32.08 -54.44 37.09
N GLY B 584 -32.71 -55.49 36.58
CA GLY B 584 -33.43 -55.47 35.33
C GLY B 584 -32.55 -55.40 34.09
N VAL B 585 -31.24 -55.50 34.25
CA VAL B 585 -30.34 -55.29 33.12
C VAL B 585 -29.33 -56.41 33.03
N GLY B 586 -28.52 -56.57 34.08
CA GLY B 586 -27.43 -57.56 34.06
C GLY B 586 -26.11 -56.84 34.30
N THR B 587 -25.02 -57.43 33.81
CA THR B 587 -23.67 -56.83 33.95
C THR B 587 -23.44 -55.75 32.91
N VAL B 588 -22.96 -54.62 33.39
CA VAL B 588 -22.57 -53.56 32.50
C VAL B 588 -21.09 -53.32 32.68
N ALA B 589 -20.35 -53.43 31.58
CA ALA B 589 -18.94 -53.13 31.55
C ALA B 589 -18.75 -51.65 31.26
N ILE B 590 -17.85 -51.02 32.03
CA ILE B 590 -17.66 -49.58 32.02
C ILE B 590 -16.24 -49.23 31.61
N SER B 591 -16.07 -48.43 30.57
CA SER B 591 -14.75 -47.87 30.19
C SER B 591 -14.65 -46.46 30.75
N ARG B 592 -13.65 -46.25 31.56
CA ARG B 592 -13.55 -45.00 32.30
C ARG B 592 -12.13 -44.54 32.37
N ASP B 593 -11.93 -43.23 32.59
CA ASP B 593 -10.58 -42.70 32.94
C ASP B 593 -10.26 -43.16 34.35
N PRO B 594 -9.20 -43.94 34.52
CA PRO B 594 -8.90 -44.41 35.86
C PRO B 594 -8.52 -43.34 36.88
N ARG B 595 -8.05 -42.18 36.42
CA ARG B 595 -7.69 -41.14 37.36
C ARG B 595 -8.92 -40.41 37.91
N THR B 596 -9.89 -40.13 37.06
CA THR B 596 -11.05 -39.29 37.48
C THR B 596 -12.36 -40.05 37.64
N GLY B 597 -12.42 -41.28 37.15
CA GLY B 597 -13.68 -42.02 37.16
C GLY B 597 -14.63 -41.59 36.07
N GLU B 598 -14.22 -40.66 35.20
CA GLU B 598 -15.14 -40.22 34.17
CA GLU B 598 -15.12 -40.20 34.13
C GLU B 598 -15.43 -41.37 33.19
N VAL B 599 -16.71 -41.59 32.89
CA VAL B 599 -17.16 -42.69 32.00
C VAL B 599 -17.09 -42.29 30.50
N HIS B 600 -16.40 -43.06 29.69
CA HIS B 600 -16.29 -42.83 28.25
C HIS B 600 -17.27 -43.63 27.46
N ALA B 601 -17.61 -44.81 27.96
CA ALA B 601 -18.45 -45.74 27.17
C ALA B 601 -18.96 -46.86 28.08
N LEU B 602 -20.06 -47.45 27.64
CA LEU B 602 -20.65 -48.64 28.29
C LEU B 602 -20.92 -49.76 27.32
N ARG B 603 -20.75 -50.98 27.84
CA ARG B 603 -21.10 -52.16 27.09
C ARG B 603 -22.02 -52.99 27.99
N GLY B 604 -23.28 -53.11 27.60
CA GLY B 604 -24.24 -53.86 28.38
C GLY B 604 -24.66 -55.11 27.62
N PRO B 605 -25.59 -55.89 28.18
CA PRO B 605 -26.02 -57.18 27.57
C PRO B 605 -26.65 -57.04 26.19
N THR B 606 -27.36 -55.94 25.95
CA THR B 606 -28.02 -55.67 24.66
C THR B 606 -27.84 -54.21 24.17
N PHE B 607 -26.75 -53.56 24.54
CA PHE B 607 -26.55 -52.20 24.19
C PHE B 607 -25.12 -51.76 24.36
N SER B 608 -24.79 -50.64 23.70
CA SER B 608 -23.54 -49.94 23.92
C SER B 608 -23.83 -48.46 23.95
N SER B 609 -22.87 -47.73 24.48
CA SER B 609 -22.98 -46.29 24.52
C SER B 609 -21.63 -45.69 24.55
N MET B 610 -21.60 -44.45 24.09
CA MET B 610 -20.38 -43.65 24.00
CA MET B 610 -20.38 -43.66 24.06
C MET B 610 -20.66 -42.21 24.47
N GLN B 611 -19.80 -41.67 25.31
CA GLN B 611 -19.88 -40.20 25.65
C GLN B 611 -19.41 -39.27 24.50
N PHE B 612 -18.46 -39.76 23.70
CA PHE B 612 -17.84 -39.00 22.62
C PHE B 612 -18.61 -39.17 21.32
N HIS B 613 -18.22 -38.43 20.29
CA HIS B 613 -18.86 -38.50 19.00
C HIS B 613 -17.97 -39.15 18.00
N ALA B 614 -18.17 -40.42 17.85
CA ALA B 614 -17.46 -41.21 16.84
C ALA B 614 -17.47 -40.55 15.44
N GLU B 615 -18.57 -39.86 15.11
CA GLU B 615 -18.80 -39.31 13.74
C GLU B 615 -18.13 -37.99 13.53
N SER B 616 -17.63 -37.39 14.59
CA SER B 616 -17.00 -36.05 14.53
C SER B 616 -15.73 -36.07 13.67
N VAL B 617 -15.42 -34.90 13.10
CA VAL B 617 -14.17 -34.73 12.39
C VAL B 617 -12.98 -34.87 13.37
N LEU B 618 -13.22 -34.74 14.67
CA LEU B 618 -12.16 -34.87 15.69
C LEU B 618 -11.87 -36.35 16.13
N THR B 619 -12.70 -37.31 15.69
CA THR B 619 -12.43 -38.74 15.96
C THR B 619 -11.59 -39.37 14.87
N VAL B 620 -10.58 -40.11 15.30
CA VAL B 620 -9.77 -40.94 14.44
C VAL B 620 -10.47 -42.31 14.37
N ASP B 621 -10.67 -42.81 13.15
CA ASP B 621 -11.27 -44.14 12.91
C ASP B 621 -12.70 -44.28 13.47
N GLY B 622 -13.51 -43.24 13.30
CA GLY B 622 -14.88 -43.21 13.76
C GLY B 622 -15.74 -44.37 13.23
N PRO B 623 -15.72 -44.62 11.92
CA PRO B 623 -16.57 -45.70 11.41
C PRO B 623 -16.29 -47.07 12.10
N ARG B 624 -15.00 -47.40 12.27
CA ARG B 624 -14.61 -48.64 12.94
C ARG B 624 -15.16 -48.64 14.36
N ILE B 625 -14.99 -47.55 15.08
CA ILE B 625 -15.52 -47.46 16.44
C ILE B 625 -17.02 -47.66 16.49
N LEU B 626 -17.73 -47.07 15.55
CA LEU B 626 -19.20 -47.17 15.48
C LEU B 626 -19.58 -48.57 15.14
N GLY B 627 -18.80 -49.19 14.26
CA GLY B 627 -19.05 -50.58 13.90
C GLY B 627 -18.91 -51.51 15.10
N GLU B 628 -17.84 -51.32 15.86
CA GLU B 628 -17.62 -52.09 17.12
C GLU B 628 -18.79 -51.88 18.07
N ALA B 629 -19.21 -50.64 18.25
CA ALA B 629 -20.33 -50.32 19.17
C ALA B 629 -21.66 -51.03 18.75
N ILE B 630 -21.96 -50.99 17.46
CA ILE B 630 -23.20 -51.59 16.94
C ILE B 630 -23.11 -53.13 17.00
N THR B 631 -21.95 -53.66 16.64
CA THR B 631 -21.67 -55.10 16.74
C THR B 631 -21.93 -55.62 18.17
N HIS B 632 -21.39 -54.92 19.17
CA HIS B 632 -21.69 -55.25 20.51
C HIS B 632 -23.22 -55.19 20.82
N ALA B 633 -23.90 -54.17 20.36
CA ALA B 633 -25.33 -53.95 20.72
C ALA B 633 -26.21 -55.11 20.27
N ILE B 634 -25.91 -55.66 19.11
CA ILE B 634 -26.72 -56.71 18.53
C ILE B 634 -26.25 -58.12 18.90
N ARG B 635 -25.33 -58.21 19.88
CA ARG B 635 -24.68 -59.47 20.25
C ARG B 635 -25.65 -60.56 20.61
N ARG B 636 -26.81 -60.25 21.19
CA ARG B 636 -27.81 -61.27 21.55
C ARG B 636 -28.72 -61.67 20.41
N GLU B 637 -28.68 -60.96 19.31
CA GLU B 637 -29.51 -61.32 18.16
C GLU B 637 -28.93 -62.53 17.31
N LYS B 638 -29.79 -63.44 16.87
CA LYS B 638 -29.36 -64.71 16.23
C LYS B 638 -29.70 -64.73 14.74
MG MG C . -13.18 -16.05 16.41
C BEZ D . -14.49 -15.89 14.27
O1 BEZ D . -15.03 -15.82 15.38
O2 BEZ D . -13.27 -15.98 14.31
C1 BEZ D . -15.23 -15.80 12.99
C2 BEZ D . -14.56 -15.51 11.83
C3 BEZ D . -15.20 -15.44 10.61
C4 BEZ D . -16.57 -15.66 10.52
C5 BEZ D . -17.27 -15.99 11.69
C6 BEZ D . -16.58 -16.03 12.91
C PYR E . -18.98 -11.31 12.18
O PYR E . -18.27 -10.62 11.42
OXT PYR E . -19.99 -10.84 12.74
CA PYR E . -18.59 -12.67 12.44
O3 PYR E . -17.49 -13.07 12.03
CB PYR E . -19.50 -13.52 13.24
P PO4 F . -13.55 -17.81 -2.26
O1 PO4 F . -13.33 -16.30 -2.03
O2 PO4 F . -12.26 -18.56 -2.07
O3 PO4 F . -14.39 -18.63 -1.50
O4 PO4 F . -13.82 -17.84 -3.74
ZN ZN G . 35.96 29.74 -4.41
MG MG H . 21.99 14.01 -2.06
C BEZ I . 20.54 14.66 -3.90
O1 BEZ I . 21.72 14.29 -4.09
O2 BEZ I . 20.05 14.65 -2.72
C1 BEZ I . 19.64 15.06 -5.07
C2 BEZ I . 20.15 15.42 -6.33
C3 BEZ I . 19.26 15.75 -7.34
C4 BEZ I . 17.89 15.79 -7.10
C5 BEZ I . 17.37 15.46 -5.86
C6 BEZ I . 18.26 15.11 -4.86
C PYR J . 19.19 11.35 -9.68
O PYR J . 20.01 10.84 -10.50
OXT PYR J . 18.07 10.88 -9.44
CA PYR J . 19.60 12.52 -8.92
O3 PYR J . 18.91 12.92 -7.95
CB PYR J . 20.86 13.17 -9.36
P PO4 K . 6.53 21.64 -8.37
O1 PO4 K . 7.82 21.89 -9.08
O2 PO4 K . 6.05 20.19 -8.48
O3 PO4 K . 6.67 22.00 -6.89
O4 PO4 K . 5.35 22.44 -8.92
ZN ZN L . -21.78 -34.46 22.76
MG MG M . 43.24 6.38 -7.44
#